data_2GP8
# 
_entry.id   2GP8 
# 
_audit_conform.dict_name       mmcif_pdbx.dic 
_audit_conform.dict_version    5.383 
_audit_conform.dict_location   http://mmcif.pdb.org/dictionaries/ascii/mmcif_pdbx.dic 
# 
loop_
_database_2.database_id 
_database_2.database_code 
_database_2.pdbx_database_accession 
_database_2.pdbx_DOI 
PDB   2GP8         pdb_00002gp8 10.2210/pdb2gp8/pdb 
RCSB  RCSB001047   ?            ?                   
WWPDB D_1000001047 ?            ?                   
# 
loop_
_pdbx_audit_revision_history.ordinal 
_pdbx_audit_revision_history.data_content_type 
_pdbx_audit_revision_history.major_revision 
_pdbx_audit_revision_history.minor_revision 
_pdbx_audit_revision_history.revision_date 
1 'Structure model' 1 0 1999-05-17 
2 'Structure model' 1 1 2008-04-26 
3 'Structure model' 1 2 2011-07-13 
4 'Structure model' 1 3 2022-03-09 
5 'Structure model' 1 4 2023-12-27 
# 
_pdbx_audit_revision_details.ordinal             1 
_pdbx_audit_revision_details.revision_ordinal    1 
_pdbx_audit_revision_details.data_content_type   'Structure model' 
_pdbx_audit_revision_details.provider            repository 
_pdbx_audit_revision_details.type                'Initial release' 
_pdbx_audit_revision_details.description         ? 
_pdbx_audit_revision_details.details             ? 
# 
loop_
_pdbx_audit_revision_group.ordinal 
_pdbx_audit_revision_group.revision_ordinal 
_pdbx_audit_revision_group.data_content_type 
_pdbx_audit_revision_group.group 
1 2 'Structure model' 'Version format compliance' 
2 3 'Structure model' 'Version format compliance' 
3 4 'Structure model' 'Database references'       
4 4 'Structure model' 'Derived calculations'      
5 5 'Structure model' 'Data collection'           
# 
loop_
_pdbx_audit_revision_category.ordinal 
_pdbx_audit_revision_category.revision_ordinal 
_pdbx_audit_revision_category.data_content_type 
_pdbx_audit_revision_category.category 
1 4 'Structure model' database_2            
2 4 'Structure model' pdbx_struct_assembly  
3 4 'Structure model' pdbx_struct_oper_list 
4 5 'Structure model' chem_comp_atom        
5 5 'Structure model' chem_comp_bond        
# 
loop_
_pdbx_audit_revision_item.ordinal 
_pdbx_audit_revision_item.revision_ordinal 
_pdbx_audit_revision_item.data_content_type 
_pdbx_audit_revision_item.item 
1 4 'Structure model' '_database_2.pdbx_DOI'                
2 4 'Structure model' '_database_2.pdbx_database_accession' 
# 
_pdbx_database_status.status_code                     REL 
_pdbx_database_status.entry_id                        2GP8 
_pdbx_database_status.recvd_initial_deposition_date   1999-05-11 
_pdbx_database_status.deposit_site                    BNL 
_pdbx_database_status.process_site                    RCSB 
_pdbx_database_status.SG_entry                        . 
_pdbx_database_status.pdb_format_compatible           Y 
_pdbx_database_status.status_code_mr                  ? 
_pdbx_database_status.status_code_sf                  ? 
_pdbx_database_status.status_code_cs                  ? 
_pdbx_database_status.status_code_nmr_data            ? 
_pdbx_database_status.methods_development_category    ? 
# 
loop_
_audit_author.name 
_audit_author.pdbx_ordinal 
'Sun, Y.'             1 
'Parker, M.H.'        2 
'Weigele, P.'         3 
'Casjens, S.'         4 
'Prevelige Jr., P.E.' 5 
'Krishna, N.R.'       6 
# 
_citation.id                        primary 
_citation.title                     
'Structure of the coat protein-binding domain of the scaffolding protein from a double-stranded DNA virus.' 
_citation.journal_abbrev            J.Mol.Biol. 
_citation.journal_volume            297 
_citation.page_first                1195 
_citation.page_last                 1202 
_citation.year                      2000 
_citation.journal_id_ASTM           JMOBAK 
_citation.country                   UK 
_citation.journal_id_ISSN           0022-2836 
_citation.journal_id_CSD            0070 
_citation.book_publisher            ? 
_citation.pdbx_database_id_PubMed   10764583 
_citation.pdbx_database_id_DOI      10.1006/jmbi.2000.3620 
# 
loop_
_citation_author.citation_id 
_citation_author.name 
_citation_author.ordinal 
_citation_author.identifier_ORCID 
primary 'Sun, Y.'             1 ? 
primary 'Parker, M.H.'        2 ? 
primary 'Weigele, P.'         3 ? 
primary 'Casjens, S.'         4 ? 
primary 'Prevelige Jr., P.E.' 5 ? 
primary 'Krishna, N.R.'       6 ? 
# 
_entity.id                         1 
_entity.type                       polymer 
_entity.src_method                 man 
_entity.pdbx_description           'PROTEIN (SCAFFOLDING PROTEIN)' 
_entity.formula_weight             4329.034 
_entity.pdbx_number_of_molecules   1 
_entity.pdbx_ec                    ? 
_entity.pdbx_mutation              ? 
_entity.pdbx_fragment              'C-TERMINAL FUNCTIONAL DOMAIN' 
_entity.details                    ? 
# 
_entity_poly.entity_id                      1 
_entity_poly.type                           'polypeptide(L)' 
_entity_poly.nstd_linkage                   no 
_entity_poly.nstd_monomer                   no 
_entity_poly.pdbx_seq_one_letter_code       ITGDVSAANKDAIRKQMDAAASKGDVETYRKLKAKLKGIR 
_entity_poly.pdbx_seq_one_letter_code_can   ITGDVSAANKDAIRKQMDAAASKGDVETYRKLKAKLKGIR 
_entity_poly.pdbx_strand_id                 A 
_entity_poly.pdbx_target_identifier         ? 
# 
loop_
_entity_poly_seq.entity_id 
_entity_poly_seq.num 
_entity_poly_seq.mon_id 
_entity_poly_seq.hetero 
1 1  ILE n 
1 2  THR n 
1 3  GLY n 
1 4  ASP n 
1 5  VAL n 
1 6  SER n 
1 7  ALA n 
1 8  ALA n 
1 9  ASN n 
1 10 LYS n 
1 11 ASP n 
1 12 ALA n 
1 13 ILE n 
1 14 ARG n 
1 15 LYS n 
1 16 GLN n 
1 17 MET n 
1 18 ASP n 
1 19 ALA n 
1 20 ALA n 
1 21 ALA n 
1 22 SER n 
1 23 LYS n 
1 24 GLY n 
1 25 ASP n 
1 26 VAL n 
1 27 GLU n 
1 28 THR n 
1 29 TYR n 
1 30 ARG n 
1 31 LYS n 
1 32 LEU n 
1 33 LYS n 
1 34 ALA n 
1 35 LYS n 
1 36 LEU n 
1 37 LYS n 
1 38 GLY n 
1 39 ILE n 
1 40 ARG n 
# 
_entity_src_gen.entity_id                          1 
_entity_src_gen.pdbx_src_id                        1 
_entity_src_gen.pdbx_alt_source_flag               sample 
_entity_src_gen.pdbx_seq_type                      ? 
_entity_src_gen.pdbx_beg_seq_num                   ? 
_entity_src_gen.pdbx_end_seq_num                   ? 
_entity_src_gen.gene_src_common_name               ? 
_entity_src_gen.gene_src_genus                     'P22-like viruses' 
_entity_src_gen.pdbx_gene_src_gene                 ? 
_entity_src_gen.gene_src_species                   ? 
_entity_src_gen.gene_src_strain                    ? 
_entity_src_gen.gene_src_tissue                    ? 
_entity_src_gen.gene_src_tissue_fraction           ? 
_entity_src_gen.gene_src_details                   ? 
_entity_src_gen.pdbx_gene_src_fragment             ? 
_entity_src_gen.pdbx_gene_src_scientific_name      'Enterobacteria phage P22' 
_entity_src_gen.pdbx_gene_src_ncbi_taxonomy_id     10754 
_entity_src_gen.pdbx_gene_src_variant              ? 
_entity_src_gen.pdbx_gene_src_cell_line            ? 
_entity_src_gen.pdbx_gene_src_atcc                 ? 
_entity_src_gen.pdbx_gene_src_organ                ? 
_entity_src_gen.pdbx_gene_src_organelle            ? 
_entity_src_gen.pdbx_gene_src_cell                 ? 
_entity_src_gen.pdbx_gene_src_cellular_location    ? 
_entity_src_gen.host_org_common_name               ? 
_entity_src_gen.pdbx_host_org_scientific_name      'Escherichia coli' 
_entity_src_gen.pdbx_host_org_ncbi_taxonomy_id     562 
_entity_src_gen.host_org_genus                     Escherichia 
_entity_src_gen.pdbx_host_org_gene                 ? 
_entity_src_gen.pdbx_host_org_organ                ? 
_entity_src_gen.host_org_species                   ? 
_entity_src_gen.pdbx_host_org_tissue               ? 
_entity_src_gen.pdbx_host_org_tissue_fraction      ? 
_entity_src_gen.pdbx_host_org_strain               NF1829 
_entity_src_gen.pdbx_host_org_variant              ? 
_entity_src_gen.pdbx_host_org_cell_line            ? 
_entity_src_gen.pdbx_host_org_atcc                 ? 
_entity_src_gen.pdbx_host_org_culture_collection   ? 
_entity_src_gen.pdbx_host_org_cell                 ? 
_entity_src_gen.pdbx_host_org_organelle            ? 
_entity_src_gen.pdbx_host_org_cellular_location    ? 
_entity_src_gen.pdbx_host_org_vector_type          PLASMID 
_entity_src_gen.pdbx_host_org_vector               ? 
_entity_src_gen.host_org_details                   ? 
_entity_src_gen.expression_system_id               ? 
_entity_src_gen.plasmid_name                       PET3A 
_entity_src_gen.plasmid_details                    ? 
_entity_src_gen.pdbx_description                   ? 
# 
loop_
_chem_comp.id 
_chem_comp.type 
_chem_comp.mon_nstd_flag 
_chem_comp.name 
_chem_comp.pdbx_synonyms 
_chem_comp.formula 
_chem_comp.formula_weight 
ALA 'L-peptide linking' y ALANINE         ? 'C3 H7 N O2'     89.093  
ARG 'L-peptide linking' y ARGININE        ? 'C6 H15 N4 O2 1' 175.209 
ASN 'L-peptide linking' y ASPARAGINE      ? 'C4 H8 N2 O3'    132.118 
ASP 'L-peptide linking' y 'ASPARTIC ACID' ? 'C4 H7 N O4'     133.103 
GLN 'L-peptide linking' y GLUTAMINE       ? 'C5 H10 N2 O3'   146.144 
GLU 'L-peptide linking' y 'GLUTAMIC ACID' ? 'C5 H9 N O4'     147.129 
GLY 'peptide linking'   y GLYCINE         ? 'C2 H5 N O2'     75.067  
ILE 'L-peptide linking' y ISOLEUCINE      ? 'C6 H13 N O2'    131.173 
LEU 'L-peptide linking' y LEUCINE         ? 'C6 H13 N O2'    131.173 
LYS 'L-peptide linking' y LYSINE          ? 'C6 H15 N2 O2 1' 147.195 
MET 'L-peptide linking' y METHIONINE      ? 'C5 H11 N O2 S'  149.211 
SER 'L-peptide linking' y SERINE          ? 'C3 H7 N O3'     105.093 
THR 'L-peptide linking' y THREONINE       ? 'C4 H9 N O3'     119.119 
TYR 'L-peptide linking' y TYROSINE        ? 'C9 H11 N O3'    181.189 
VAL 'L-peptide linking' y VALINE          ? 'C5 H11 N O2'    117.146 
# 
loop_
_pdbx_poly_seq_scheme.asym_id 
_pdbx_poly_seq_scheme.entity_id 
_pdbx_poly_seq_scheme.seq_id 
_pdbx_poly_seq_scheme.mon_id 
_pdbx_poly_seq_scheme.ndb_seq_num 
_pdbx_poly_seq_scheme.pdb_seq_num 
_pdbx_poly_seq_scheme.auth_seq_num 
_pdbx_poly_seq_scheme.pdb_mon_id 
_pdbx_poly_seq_scheme.auth_mon_id 
_pdbx_poly_seq_scheme.pdb_strand_id 
_pdbx_poly_seq_scheme.pdb_ins_code 
_pdbx_poly_seq_scheme.hetero 
A 1 1  ILE 1  264 264 ILE ILE A . n 
A 1 2  THR 2  265 265 THR THR A . n 
A 1 3  GLY 3  266 266 GLY GLY A . n 
A 1 4  ASP 4  267 267 ASP ASP A . n 
A 1 5  VAL 5  268 268 VAL VAL A . n 
A 1 6  SER 6  269 269 SER SER A . n 
A 1 7  ALA 7  270 270 ALA ALA A . n 
A 1 8  ALA 8  271 271 ALA ALA A . n 
A 1 9  ASN 9  272 272 ASN ASN A . n 
A 1 10 LYS 10 273 273 LYS LYS A . n 
A 1 11 ASP 11 274 274 ASP ASP A . n 
A 1 12 ALA 12 275 275 ALA ALA A . n 
A 1 13 ILE 13 276 276 ILE ILE A . n 
A 1 14 ARG 14 277 277 ARG ARG A . n 
A 1 15 LYS 15 278 278 LYS LYS A . n 
A 1 16 GLN 16 279 279 GLN GLN A . n 
A 1 17 MET 17 280 280 MET MET A . n 
A 1 18 ASP 18 281 281 ASP ASP A . n 
A 1 19 ALA 19 282 282 ALA ALA A . n 
A 1 20 ALA 20 283 283 ALA ALA A . n 
A 1 21 ALA 21 284 284 ALA ALA A . n 
A 1 22 SER 22 285 285 SER SER A . n 
A 1 23 LYS 23 286 286 LYS LYS A . n 
A 1 24 GLY 24 287 287 GLY GLY A . n 
A 1 25 ASP 25 288 288 ASP ASP A . n 
A 1 26 VAL 26 289 289 VAL VAL A . n 
A 1 27 GLU 27 290 290 GLU GLU A . n 
A 1 28 THR 28 291 291 THR THR A . n 
A 1 29 TYR 29 292 292 TYR TYR A . n 
A 1 30 ARG 30 293 293 ARG ARG A . n 
A 1 31 LYS 31 294 294 LYS LYS A . n 
A 1 32 LEU 32 295 295 LEU LEU A . n 
A 1 33 LYS 33 296 296 LYS LYS A . n 
A 1 34 ALA 34 297 297 ALA ALA A . n 
A 1 35 LYS 35 298 298 LYS LYS A . n 
A 1 36 LEU 36 299 299 LEU LEU A . n 
A 1 37 LYS 37 300 300 LYS LYS A . n 
A 1 38 GLY 38 301 301 GLY GLY A . n 
A 1 39 ILE 39 302 302 ILE ILE A . n 
A 1 40 ARG 40 303 303 ARG ARG A . n 
# 
_cell.entry_id           2GP8 
_cell.length_a           1.000 
_cell.length_b           1.000 
_cell.length_c           1.000 
_cell.angle_alpha        90.00 
_cell.angle_beta         90.00 
_cell.angle_gamma        90.00 
_cell.Z_PDB              1 
_cell.pdbx_unique_axis   ? 
# 
_symmetry.entry_id                         2GP8 
_symmetry.space_group_name_H-M             'P 1' 
_symmetry.pdbx_full_space_group_name_H-M   ? 
_symmetry.cell_setting                     ? 
_symmetry.Int_Tables_number                1 
# 
_exptl.entry_id          2GP8 
_exptl.method            'SOLUTION NMR' 
_exptl.crystals_number   ? 
# 
_struct.entry_id                  2GP8 
_struct.title                     
'NMR SOLUTION STRUCTURE OF THE COAT PROTEIN-BINDING DOMAIN OF BACTERIOPHAGE P22 SCAFFOLDING PROTEIN' 
_struct.pdbx_model_details        ? 
_struct.pdbx_CASP_flag            ? 
_struct.pdbx_model_type_details   'minimized average' 
# 
_struct_keywords.entry_id        2GP8 
_struct_keywords.pdbx_keywords   'VIRAL PROTEIN' 
_struct_keywords.text            'SCAFFOLDING PROTEIN, COAT PROTEIN-BINDING DOMAIN, HELIX-LOOP-HELIX MOTIF, Viral protein' 
# 
_struct_asym.id                            A 
_struct_asym.pdbx_blank_PDB_chainid_flag   N 
_struct_asym.pdbx_modified                 N 
_struct_asym.entity_id                     1 
_struct_asym.details                       ? 
# 
_struct_ref.id                         1 
_struct_ref.db_name                    UNP 
_struct_ref.db_code                    VG08_BPP22 
_struct_ref.entity_id                  1 
_struct_ref.pdbx_db_accession          P26748 
_struct_ref.pdbx_align_begin           ? 
_struct_ref.pdbx_seq_one_letter_code   ? 
_struct_ref.pdbx_db_isoform            ? 
# 
_struct_ref_seq.align_id                      1 
_struct_ref_seq.ref_id                        1 
_struct_ref_seq.pdbx_PDB_id_code              2GP8 
_struct_ref_seq.pdbx_strand_id                A 
_struct_ref_seq.seq_align_beg                 1 
_struct_ref_seq.pdbx_seq_align_beg_ins_code   ? 
_struct_ref_seq.seq_align_end                 40 
_struct_ref_seq.pdbx_seq_align_end_ins_code   ? 
_struct_ref_seq.pdbx_db_accession             P26748 
_struct_ref_seq.db_align_beg                  264 
_struct_ref_seq.pdbx_db_align_beg_ins_code    ? 
_struct_ref_seq.db_align_end                  303 
_struct_ref_seq.pdbx_db_align_end_ins_code    ? 
_struct_ref_seq.pdbx_auth_seq_align_beg       264 
_struct_ref_seq.pdbx_auth_seq_align_end       303 
# 
_pdbx_struct_assembly.id                   1 
_pdbx_struct_assembly.details              author_defined_assembly 
_pdbx_struct_assembly.method_details       ? 
_pdbx_struct_assembly.oligomeric_details   monomeric 
_pdbx_struct_assembly.oligomeric_count     1 
# 
_pdbx_struct_assembly_gen.assembly_id       1 
_pdbx_struct_assembly_gen.oper_expression   1 
_pdbx_struct_assembly_gen.asym_id_list      A 
# 
_pdbx_struct_oper_list.id                   1 
_pdbx_struct_oper_list.type                 'identity operation' 
_pdbx_struct_oper_list.name                 1_555 
_pdbx_struct_oper_list.symmetry_operation   x,y,z 
_pdbx_struct_oper_list.matrix[1][1]         1.0000000000 
_pdbx_struct_oper_list.matrix[1][2]         0.0000000000 
_pdbx_struct_oper_list.matrix[1][3]         0.0000000000 
_pdbx_struct_oper_list.vector[1]            0.0000000000 
_pdbx_struct_oper_list.matrix[2][1]         0.0000000000 
_pdbx_struct_oper_list.matrix[2][2]         1.0000000000 
_pdbx_struct_oper_list.matrix[2][3]         0.0000000000 
_pdbx_struct_oper_list.vector[2]            0.0000000000 
_pdbx_struct_oper_list.matrix[3][1]         0.0000000000 
_pdbx_struct_oper_list.matrix[3][2]         0.0000000000 
_pdbx_struct_oper_list.matrix[3][3]         1.0000000000 
_pdbx_struct_oper_list.vector[3]            0.0000000000 
# 
_struct_biol.id   1 
# 
loop_
_struct_conf.conf_type_id 
_struct_conf.id 
_struct_conf.pdbx_PDB_helix_id 
_struct_conf.beg_label_comp_id 
_struct_conf.beg_label_asym_id 
_struct_conf.beg_label_seq_id 
_struct_conf.pdbx_beg_PDB_ins_code 
_struct_conf.end_label_comp_id 
_struct_conf.end_label_asym_id 
_struct_conf.end_label_seq_id 
_struct_conf.pdbx_end_PDB_ins_code 
_struct_conf.beg_auth_comp_id 
_struct_conf.beg_auth_asym_id 
_struct_conf.beg_auth_seq_id 
_struct_conf.end_auth_comp_id 
_struct_conf.end_auth_asym_id 
_struct_conf.end_auth_seq_id 
_struct_conf.pdbx_PDB_helix_class 
_struct_conf.details 
_struct_conf.pdbx_PDB_helix_length 
HELX_P HELX_P1 1 VAL A 5  ? SER A 22 ? VAL A 268 SER A 285 1 ? 18 
HELX_P HELX_P2 2 ASP A 25 ? ILE A 39 ? ASP A 288 ILE A 302 1 ? 15 
# 
_struct_conf_type.id          HELX_P 
_struct_conf_type.criteria    ? 
_struct_conf_type.reference   ? 
# 
_pdbx_validate_close_contact.id               1 
_pdbx_validate_close_contact.PDB_model_num    1 
_pdbx_validate_close_contact.auth_atom_id_1   O 
_pdbx_validate_close_contact.auth_asym_id_1   A 
_pdbx_validate_close_contact.auth_comp_id_1   LYS 
_pdbx_validate_close_contact.auth_seq_id_1    298 
_pdbx_validate_close_contact.PDB_ins_code_1   ? 
_pdbx_validate_close_contact.label_alt_id_1   ? 
_pdbx_validate_close_contact.auth_atom_id_2   H 
_pdbx_validate_close_contact.auth_asym_id_2   A 
_pdbx_validate_close_contact.auth_comp_id_2   GLY 
_pdbx_validate_close_contact.auth_seq_id_2    301 
_pdbx_validate_close_contact.PDB_ins_code_2   ? 
_pdbx_validate_close_contact.label_alt_id_2   ? 
_pdbx_validate_close_contact.dist             1.49 
# 
loop_
_pdbx_validate_torsion.id 
_pdbx_validate_torsion.PDB_model_num 
_pdbx_validate_torsion.auth_comp_id 
_pdbx_validate_torsion.auth_asym_id 
_pdbx_validate_torsion.auth_seq_id 
_pdbx_validate_torsion.PDB_ins_code 
_pdbx_validate_torsion.label_alt_id 
_pdbx_validate_torsion.phi 
_pdbx_validate_torsion.psi 
1 1 THR A 265 ? ? -88.84 30.83  
2 1 VAL A 268 ? ? -48.36 176.89 
3 1 SER A 269 ? ? -33.77 -37.52 
4 1 ALA A 282 ? ? -53.64 -70.40 
5 1 ALA A 284 ? ? -74.99 -78.65 
6 1 SER A 285 ? ? -84.86 44.79  
7 1 ILE A 302 ? ? -47.35 102.94 
# 
_pdbx_nmr_ensemble.entry_id                                      2GP8 
_pdbx_nmr_ensemble.conformers_calculated_total_number            100 
_pdbx_nmr_ensemble.conformers_submitted_total_number             1 
_pdbx_nmr_ensemble.conformer_selection_criteria                  'LEAST RESTRAINT VIOLATION' 
_pdbx_nmr_ensemble.average_constraints_per_residue               ? 
_pdbx_nmr_ensemble.average_constraint_violations_per_residue     ? 
_pdbx_nmr_ensemble.maximum_distance_constraint_violation         ? 
_pdbx_nmr_ensemble.average_distance_constraint_violation         ? 
_pdbx_nmr_ensemble.maximum_upper_distance_constraint_violation   ? 
_pdbx_nmr_ensemble.maximum_lower_distance_constraint_violation   ? 
_pdbx_nmr_ensemble.distance_constraint_violation_method          ? 
_pdbx_nmr_ensemble.maximum_torsion_angle_constraint_violation    ? 
_pdbx_nmr_ensemble.average_torsion_angle_constraint_violation    ? 
_pdbx_nmr_ensemble.torsion_angle_constraint_violation_method     ? 
# 
_pdbx_nmr_representative.selection_criteria   'minimized average structure' 
_pdbx_nmr_representative.entry_id             2GP8 
_pdbx_nmr_representative.conformer_id         ? 
# 
_pdbx_nmr_sample_details.solution_id      1 
_pdbx_nmr_sample_details.contents         '10% WATER/90% D2O, 99.9% D2O' 
_pdbx_nmr_sample_details.solvent_system   ? 
# 
_pdbx_nmr_exptl_sample_conditions.conditions_id       1 
_pdbx_nmr_exptl_sample_conditions.temperature         293 
_pdbx_nmr_exptl_sample_conditions.pressure            1 
_pdbx_nmr_exptl_sample_conditions.pH                  4.4 
_pdbx_nmr_exptl_sample_conditions.ionic_strength      ? 
_pdbx_nmr_exptl_sample_conditions.pressure_units      atm 
_pdbx_nmr_exptl_sample_conditions.temperature_units   K 
# 
loop_
_pdbx_nmr_exptl.experiment_id 
_pdbx_nmr_exptl.conditions_id 
_pdbx_nmr_exptl.type 
_pdbx_nmr_exptl.solution_id 
1 1 NOESY                      1 
2 1 TOCSY                      1 
3 1 COSY                       1 
4 1 '15N EDITED 3D NOESY-HSQC' 1 
5 1 TOCSYHMQC                  1 
# 
_pdbx_nmr_details.entry_id   2GP8 
_pdbx_nmr_details.text       
'AVERAGE STRUCTURE. EXPERIMENTS WERE DONE ON THE C-TERMINAL 67-RESIDUE (238-303 PLUS ALANINE AT THE N-TERNINUS) SCAFFOLDING PROTEIN.' 
# 
_pdbx_nmr_refine.entry_id           2GP8 
_pdbx_nmr_refine.method             'DISTANCE GEOMETRY AND SIMULATED ANNEALING' 
_pdbx_nmr_refine.details            
'REFINEMENT DETAILS CAN BE FOUND IN THE JRNL CITATION ABOVE. THE REFINEMENT WAS CARRIED OUT ON THE C-TERMINAL 40-RESIDUE SEGMENT.' 
_pdbx_nmr_refine.software_ordinal   1 
# 
loop_
_pdbx_nmr_software.classification 
_pdbx_nmr_software.name 
_pdbx_nmr_software.version 
_pdbx_nmr_software.authors 
_pdbx_nmr_software.ordinal 
refinement           X-PLOR 3.851 BRUNGER 1 
'structure solution' X-PLOR ?     ?       2 
# 
loop_
_chem_comp_atom.comp_id 
_chem_comp_atom.atom_id 
_chem_comp_atom.type_symbol 
_chem_comp_atom.pdbx_aromatic_flag 
_chem_comp_atom.pdbx_stereo_config 
_chem_comp_atom.pdbx_ordinal 
ALA N    N N N 1   
ALA CA   C N S 2   
ALA C    C N N 3   
ALA O    O N N 4   
ALA CB   C N N 5   
ALA OXT  O N N 6   
ALA H    H N N 7   
ALA H2   H N N 8   
ALA HA   H N N 9   
ALA HB1  H N N 10  
ALA HB2  H N N 11  
ALA HB3  H N N 12  
ALA HXT  H N N 13  
ARG N    N N N 14  
ARG CA   C N S 15  
ARG C    C N N 16  
ARG O    O N N 17  
ARG CB   C N N 18  
ARG CG   C N N 19  
ARG CD   C N N 20  
ARG NE   N N N 21  
ARG CZ   C N N 22  
ARG NH1  N N N 23  
ARG NH2  N N N 24  
ARG OXT  O N N 25  
ARG H    H N N 26  
ARG H2   H N N 27  
ARG HA   H N N 28  
ARG HB2  H N N 29  
ARG HB3  H N N 30  
ARG HG2  H N N 31  
ARG HG3  H N N 32  
ARG HD2  H N N 33  
ARG HD3  H N N 34  
ARG HE   H N N 35  
ARG HH11 H N N 36  
ARG HH12 H N N 37  
ARG HH21 H N N 38  
ARG HH22 H N N 39  
ARG HXT  H N N 40  
ASN N    N N N 41  
ASN CA   C N S 42  
ASN C    C N N 43  
ASN O    O N N 44  
ASN CB   C N N 45  
ASN CG   C N N 46  
ASN OD1  O N N 47  
ASN ND2  N N N 48  
ASN OXT  O N N 49  
ASN H    H N N 50  
ASN H2   H N N 51  
ASN HA   H N N 52  
ASN HB2  H N N 53  
ASN HB3  H N N 54  
ASN HD21 H N N 55  
ASN HD22 H N N 56  
ASN HXT  H N N 57  
ASP N    N N N 58  
ASP CA   C N S 59  
ASP C    C N N 60  
ASP O    O N N 61  
ASP CB   C N N 62  
ASP CG   C N N 63  
ASP OD1  O N N 64  
ASP OD2  O N N 65  
ASP OXT  O N N 66  
ASP H    H N N 67  
ASP H2   H N N 68  
ASP HA   H N N 69  
ASP HB2  H N N 70  
ASP HB3  H N N 71  
ASP HD2  H N N 72  
ASP HXT  H N N 73  
GLN N    N N N 74  
GLN CA   C N S 75  
GLN C    C N N 76  
GLN O    O N N 77  
GLN CB   C N N 78  
GLN CG   C N N 79  
GLN CD   C N N 80  
GLN OE1  O N N 81  
GLN NE2  N N N 82  
GLN OXT  O N N 83  
GLN H    H N N 84  
GLN H2   H N N 85  
GLN HA   H N N 86  
GLN HB2  H N N 87  
GLN HB3  H N N 88  
GLN HG2  H N N 89  
GLN HG3  H N N 90  
GLN HE21 H N N 91  
GLN HE22 H N N 92  
GLN HXT  H N N 93  
GLU N    N N N 94  
GLU CA   C N S 95  
GLU C    C N N 96  
GLU O    O N N 97  
GLU CB   C N N 98  
GLU CG   C N N 99  
GLU CD   C N N 100 
GLU OE1  O N N 101 
GLU OE2  O N N 102 
GLU OXT  O N N 103 
GLU H    H N N 104 
GLU H2   H N N 105 
GLU HA   H N N 106 
GLU HB2  H N N 107 
GLU HB3  H N N 108 
GLU HG2  H N N 109 
GLU HG3  H N N 110 
GLU HE2  H N N 111 
GLU HXT  H N N 112 
GLY N    N N N 113 
GLY CA   C N N 114 
GLY C    C N N 115 
GLY O    O N N 116 
GLY OXT  O N N 117 
GLY H    H N N 118 
GLY H2   H N N 119 
GLY HA2  H N N 120 
GLY HA3  H N N 121 
GLY HXT  H N N 122 
ILE N    N N N 123 
ILE CA   C N S 124 
ILE C    C N N 125 
ILE O    O N N 126 
ILE CB   C N S 127 
ILE CG1  C N N 128 
ILE CG2  C N N 129 
ILE CD1  C N N 130 
ILE OXT  O N N 131 
ILE H    H N N 132 
ILE H2   H N N 133 
ILE HA   H N N 134 
ILE HB   H N N 135 
ILE HG12 H N N 136 
ILE HG13 H N N 137 
ILE HG21 H N N 138 
ILE HG22 H N N 139 
ILE HG23 H N N 140 
ILE HD11 H N N 141 
ILE HD12 H N N 142 
ILE HD13 H N N 143 
ILE HXT  H N N 144 
LEU N    N N N 145 
LEU CA   C N S 146 
LEU C    C N N 147 
LEU O    O N N 148 
LEU CB   C N N 149 
LEU CG   C N N 150 
LEU CD1  C N N 151 
LEU CD2  C N N 152 
LEU OXT  O N N 153 
LEU H    H N N 154 
LEU H2   H N N 155 
LEU HA   H N N 156 
LEU HB2  H N N 157 
LEU HB3  H N N 158 
LEU HG   H N N 159 
LEU HD11 H N N 160 
LEU HD12 H N N 161 
LEU HD13 H N N 162 
LEU HD21 H N N 163 
LEU HD22 H N N 164 
LEU HD23 H N N 165 
LEU HXT  H N N 166 
LYS N    N N N 167 
LYS CA   C N S 168 
LYS C    C N N 169 
LYS O    O N N 170 
LYS CB   C N N 171 
LYS CG   C N N 172 
LYS CD   C N N 173 
LYS CE   C N N 174 
LYS NZ   N N N 175 
LYS OXT  O N N 176 
LYS H    H N N 177 
LYS H2   H N N 178 
LYS HA   H N N 179 
LYS HB2  H N N 180 
LYS HB3  H N N 181 
LYS HG2  H N N 182 
LYS HG3  H N N 183 
LYS HD2  H N N 184 
LYS HD3  H N N 185 
LYS HE2  H N N 186 
LYS HE3  H N N 187 
LYS HZ1  H N N 188 
LYS HZ2  H N N 189 
LYS HZ3  H N N 190 
LYS HXT  H N N 191 
MET N    N N N 192 
MET CA   C N S 193 
MET C    C N N 194 
MET O    O N N 195 
MET CB   C N N 196 
MET CG   C N N 197 
MET SD   S N N 198 
MET CE   C N N 199 
MET OXT  O N N 200 
MET H    H N N 201 
MET H2   H N N 202 
MET HA   H N N 203 
MET HB2  H N N 204 
MET HB3  H N N 205 
MET HG2  H N N 206 
MET HG3  H N N 207 
MET HE1  H N N 208 
MET HE2  H N N 209 
MET HE3  H N N 210 
MET HXT  H N N 211 
SER N    N N N 212 
SER CA   C N S 213 
SER C    C N N 214 
SER O    O N N 215 
SER CB   C N N 216 
SER OG   O N N 217 
SER OXT  O N N 218 
SER H    H N N 219 
SER H2   H N N 220 
SER HA   H N N 221 
SER HB2  H N N 222 
SER HB3  H N N 223 
SER HG   H N N 224 
SER HXT  H N N 225 
THR N    N N N 226 
THR CA   C N S 227 
THR C    C N N 228 
THR O    O N N 229 
THR CB   C N R 230 
THR OG1  O N N 231 
THR CG2  C N N 232 
THR OXT  O N N 233 
THR H    H N N 234 
THR H2   H N N 235 
THR HA   H N N 236 
THR HB   H N N 237 
THR HG1  H N N 238 
THR HG21 H N N 239 
THR HG22 H N N 240 
THR HG23 H N N 241 
THR HXT  H N N 242 
TYR N    N N N 243 
TYR CA   C N S 244 
TYR C    C N N 245 
TYR O    O N N 246 
TYR CB   C N N 247 
TYR CG   C Y N 248 
TYR CD1  C Y N 249 
TYR CD2  C Y N 250 
TYR CE1  C Y N 251 
TYR CE2  C Y N 252 
TYR CZ   C Y N 253 
TYR OH   O N N 254 
TYR OXT  O N N 255 
TYR H    H N N 256 
TYR H2   H N N 257 
TYR HA   H N N 258 
TYR HB2  H N N 259 
TYR HB3  H N N 260 
TYR HD1  H N N 261 
TYR HD2  H N N 262 
TYR HE1  H N N 263 
TYR HE2  H N N 264 
TYR HH   H N N 265 
TYR HXT  H N N 266 
VAL N    N N N 267 
VAL CA   C N S 268 
VAL C    C N N 269 
VAL O    O N N 270 
VAL CB   C N N 271 
VAL CG1  C N N 272 
VAL CG2  C N N 273 
VAL OXT  O N N 274 
VAL H    H N N 275 
VAL H2   H N N 276 
VAL HA   H N N 277 
VAL HB   H N N 278 
VAL HG11 H N N 279 
VAL HG12 H N N 280 
VAL HG13 H N N 281 
VAL HG21 H N N 282 
VAL HG22 H N N 283 
VAL HG23 H N N 284 
VAL HXT  H N N 285 
# 
loop_
_chem_comp_bond.comp_id 
_chem_comp_bond.atom_id_1 
_chem_comp_bond.atom_id_2 
_chem_comp_bond.value_order 
_chem_comp_bond.pdbx_aromatic_flag 
_chem_comp_bond.pdbx_stereo_config 
_chem_comp_bond.pdbx_ordinal 
ALA N   CA   sing N N 1   
ALA N   H    sing N N 2   
ALA N   H2   sing N N 3   
ALA CA  C    sing N N 4   
ALA CA  CB   sing N N 5   
ALA CA  HA   sing N N 6   
ALA C   O    doub N N 7   
ALA C   OXT  sing N N 8   
ALA CB  HB1  sing N N 9   
ALA CB  HB2  sing N N 10  
ALA CB  HB3  sing N N 11  
ALA OXT HXT  sing N N 12  
ARG N   CA   sing N N 13  
ARG N   H    sing N N 14  
ARG N   H2   sing N N 15  
ARG CA  C    sing N N 16  
ARG CA  CB   sing N N 17  
ARG CA  HA   sing N N 18  
ARG C   O    doub N N 19  
ARG C   OXT  sing N N 20  
ARG CB  CG   sing N N 21  
ARG CB  HB2  sing N N 22  
ARG CB  HB3  sing N N 23  
ARG CG  CD   sing N N 24  
ARG CG  HG2  sing N N 25  
ARG CG  HG3  sing N N 26  
ARG CD  NE   sing N N 27  
ARG CD  HD2  sing N N 28  
ARG CD  HD3  sing N N 29  
ARG NE  CZ   sing N N 30  
ARG NE  HE   sing N N 31  
ARG CZ  NH1  sing N N 32  
ARG CZ  NH2  doub N N 33  
ARG NH1 HH11 sing N N 34  
ARG NH1 HH12 sing N N 35  
ARG NH2 HH21 sing N N 36  
ARG NH2 HH22 sing N N 37  
ARG OXT HXT  sing N N 38  
ASN N   CA   sing N N 39  
ASN N   H    sing N N 40  
ASN N   H2   sing N N 41  
ASN CA  C    sing N N 42  
ASN CA  CB   sing N N 43  
ASN CA  HA   sing N N 44  
ASN C   O    doub N N 45  
ASN C   OXT  sing N N 46  
ASN CB  CG   sing N N 47  
ASN CB  HB2  sing N N 48  
ASN CB  HB3  sing N N 49  
ASN CG  OD1  doub N N 50  
ASN CG  ND2  sing N N 51  
ASN ND2 HD21 sing N N 52  
ASN ND2 HD22 sing N N 53  
ASN OXT HXT  sing N N 54  
ASP N   CA   sing N N 55  
ASP N   H    sing N N 56  
ASP N   H2   sing N N 57  
ASP CA  C    sing N N 58  
ASP CA  CB   sing N N 59  
ASP CA  HA   sing N N 60  
ASP C   O    doub N N 61  
ASP C   OXT  sing N N 62  
ASP CB  CG   sing N N 63  
ASP CB  HB2  sing N N 64  
ASP CB  HB3  sing N N 65  
ASP CG  OD1  doub N N 66  
ASP CG  OD2  sing N N 67  
ASP OD2 HD2  sing N N 68  
ASP OXT HXT  sing N N 69  
GLN N   CA   sing N N 70  
GLN N   H    sing N N 71  
GLN N   H2   sing N N 72  
GLN CA  C    sing N N 73  
GLN CA  CB   sing N N 74  
GLN CA  HA   sing N N 75  
GLN C   O    doub N N 76  
GLN C   OXT  sing N N 77  
GLN CB  CG   sing N N 78  
GLN CB  HB2  sing N N 79  
GLN CB  HB3  sing N N 80  
GLN CG  CD   sing N N 81  
GLN CG  HG2  sing N N 82  
GLN CG  HG3  sing N N 83  
GLN CD  OE1  doub N N 84  
GLN CD  NE2  sing N N 85  
GLN NE2 HE21 sing N N 86  
GLN NE2 HE22 sing N N 87  
GLN OXT HXT  sing N N 88  
GLU N   CA   sing N N 89  
GLU N   H    sing N N 90  
GLU N   H2   sing N N 91  
GLU CA  C    sing N N 92  
GLU CA  CB   sing N N 93  
GLU CA  HA   sing N N 94  
GLU C   O    doub N N 95  
GLU C   OXT  sing N N 96  
GLU CB  CG   sing N N 97  
GLU CB  HB2  sing N N 98  
GLU CB  HB3  sing N N 99  
GLU CG  CD   sing N N 100 
GLU CG  HG2  sing N N 101 
GLU CG  HG3  sing N N 102 
GLU CD  OE1  doub N N 103 
GLU CD  OE2  sing N N 104 
GLU OE2 HE2  sing N N 105 
GLU OXT HXT  sing N N 106 
GLY N   CA   sing N N 107 
GLY N   H    sing N N 108 
GLY N   H2   sing N N 109 
GLY CA  C    sing N N 110 
GLY CA  HA2  sing N N 111 
GLY CA  HA3  sing N N 112 
GLY C   O    doub N N 113 
GLY C   OXT  sing N N 114 
GLY OXT HXT  sing N N 115 
ILE N   CA   sing N N 116 
ILE N   H    sing N N 117 
ILE N   H2   sing N N 118 
ILE CA  C    sing N N 119 
ILE CA  CB   sing N N 120 
ILE CA  HA   sing N N 121 
ILE C   O    doub N N 122 
ILE C   OXT  sing N N 123 
ILE CB  CG1  sing N N 124 
ILE CB  CG2  sing N N 125 
ILE CB  HB   sing N N 126 
ILE CG1 CD1  sing N N 127 
ILE CG1 HG12 sing N N 128 
ILE CG1 HG13 sing N N 129 
ILE CG2 HG21 sing N N 130 
ILE CG2 HG22 sing N N 131 
ILE CG2 HG23 sing N N 132 
ILE CD1 HD11 sing N N 133 
ILE CD1 HD12 sing N N 134 
ILE CD1 HD13 sing N N 135 
ILE OXT HXT  sing N N 136 
LEU N   CA   sing N N 137 
LEU N   H    sing N N 138 
LEU N   H2   sing N N 139 
LEU CA  C    sing N N 140 
LEU CA  CB   sing N N 141 
LEU CA  HA   sing N N 142 
LEU C   O    doub N N 143 
LEU C   OXT  sing N N 144 
LEU CB  CG   sing N N 145 
LEU CB  HB2  sing N N 146 
LEU CB  HB3  sing N N 147 
LEU CG  CD1  sing N N 148 
LEU CG  CD2  sing N N 149 
LEU CG  HG   sing N N 150 
LEU CD1 HD11 sing N N 151 
LEU CD1 HD12 sing N N 152 
LEU CD1 HD13 sing N N 153 
LEU CD2 HD21 sing N N 154 
LEU CD2 HD22 sing N N 155 
LEU CD2 HD23 sing N N 156 
LEU OXT HXT  sing N N 157 
LYS N   CA   sing N N 158 
LYS N   H    sing N N 159 
LYS N   H2   sing N N 160 
LYS CA  C    sing N N 161 
LYS CA  CB   sing N N 162 
LYS CA  HA   sing N N 163 
LYS C   O    doub N N 164 
LYS C   OXT  sing N N 165 
LYS CB  CG   sing N N 166 
LYS CB  HB2  sing N N 167 
LYS CB  HB3  sing N N 168 
LYS CG  CD   sing N N 169 
LYS CG  HG2  sing N N 170 
LYS CG  HG3  sing N N 171 
LYS CD  CE   sing N N 172 
LYS CD  HD2  sing N N 173 
LYS CD  HD3  sing N N 174 
LYS CE  NZ   sing N N 175 
LYS CE  HE2  sing N N 176 
LYS CE  HE3  sing N N 177 
LYS NZ  HZ1  sing N N 178 
LYS NZ  HZ2  sing N N 179 
LYS NZ  HZ3  sing N N 180 
LYS OXT HXT  sing N N 181 
MET N   CA   sing N N 182 
MET N   H    sing N N 183 
MET N   H2   sing N N 184 
MET CA  C    sing N N 185 
MET CA  CB   sing N N 186 
MET CA  HA   sing N N 187 
MET C   O    doub N N 188 
MET C   OXT  sing N N 189 
MET CB  CG   sing N N 190 
MET CB  HB2  sing N N 191 
MET CB  HB3  sing N N 192 
MET CG  SD   sing N N 193 
MET CG  HG2  sing N N 194 
MET CG  HG3  sing N N 195 
MET SD  CE   sing N N 196 
MET CE  HE1  sing N N 197 
MET CE  HE2  sing N N 198 
MET CE  HE3  sing N N 199 
MET OXT HXT  sing N N 200 
SER N   CA   sing N N 201 
SER N   H    sing N N 202 
SER N   H2   sing N N 203 
SER CA  C    sing N N 204 
SER CA  CB   sing N N 205 
SER CA  HA   sing N N 206 
SER C   O    doub N N 207 
SER C   OXT  sing N N 208 
SER CB  OG   sing N N 209 
SER CB  HB2  sing N N 210 
SER CB  HB3  sing N N 211 
SER OG  HG   sing N N 212 
SER OXT HXT  sing N N 213 
THR N   CA   sing N N 214 
THR N   H    sing N N 215 
THR N   H2   sing N N 216 
THR CA  C    sing N N 217 
THR CA  CB   sing N N 218 
THR CA  HA   sing N N 219 
THR C   O    doub N N 220 
THR C   OXT  sing N N 221 
THR CB  OG1  sing N N 222 
THR CB  CG2  sing N N 223 
THR CB  HB   sing N N 224 
THR OG1 HG1  sing N N 225 
THR CG2 HG21 sing N N 226 
THR CG2 HG22 sing N N 227 
THR CG2 HG23 sing N N 228 
THR OXT HXT  sing N N 229 
TYR N   CA   sing N N 230 
TYR N   H    sing N N 231 
TYR N   H2   sing N N 232 
TYR CA  C    sing N N 233 
TYR CA  CB   sing N N 234 
TYR CA  HA   sing N N 235 
TYR C   O    doub N N 236 
TYR C   OXT  sing N N 237 
TYR CB  CG   sing N N 238 
TYR CB  HB2  sing N N 239 
TYR CB  HB3  sing N N 240 
TYR CG  CD1  doub Y N 241 
TYR CG  CD2  sing Y N 242 
TYR CD1 CE1  sing Y N 243 
TYR CD1 HD1  sing N N 244 
TYR CD2 CE2  doub Y N 245 
TYR CD2 HD2  sing N N 246 
TYR CE1 CZ   doub Y N 247 
TYR CE1 HE1  sing N N 248 
TYR CE2 CZ   sing Y N 249 
TYR CE2 HE2  sing N N 250 
TYR CZ  OH   sing N N 251 
TYR OH  HH   sing N N 252 
TYR OXT HXT  sing N N 253 
VAL N   CA   sing N N 254 
VAL N   H    sing N N 255 
VAL N   H2   sing N N 256 
VAL CA  C    sing N N 257 
VAL CA  CB   sing N N 258 
VAL CA  HA   sing N N 259 
VAL C   O    doub N N 260 
VAL C   OXT  sing N N 261 
VAL CB  CG1  sing N N 262 
VAL CB  CG2  sing N N 263 
VAL CB  HB   sing N N 264 
VAL CG1 HG11 sing N N 265 
VAL CG1 HG12 sing N N 266 
VAL CG1 HG13 sing N N 267 
VAL CG2 HG21 sing N N 268 
VAL CG2 HG22 sing N N 269 
VAL CG2 HG23 sing N N 270 
VAL OXT HXT  sing N N 271 
# 
loop_
_pdbx_nmr_spectrometer.spectrometer_id 
_pdbx_nmr_spectrometer.model 
_pdbx_nmr_spectrometer.manufacturer 
_pdbx_nmr_spectrometer.field_strength 
_pdbx_nmr_spectrometer.type 
1 AM600     Bruker 600 ? 
2 AVANCE600 Varian 600 ? 
3 INOVA600  Varian 600 ? 
# 
_atom_sites.entry_id                    2GP8 
_atom_sites.fract_transf_matrix[1][1]   1.000000 
_atom_sites.fract_transf_matrix[1][2]   0.000000 
_atom_sites.fract_transf_matrix[1][3]   0.000000 
_atom_sites.fract_transf_matrix[2][1]   0.000000 
_atom_sites.fract_transf_matrix[2][2]   1.000000 
_atom_sites.fract_transf_matrix[2][3]   0.000000 
_atom_sites.fract_transf_matrix[3][1]   0.000000 
_atom_sites.fract_transf_matrix[3][2]   0.000000 
_atom_sites.fract_transf_matrix[3][3]   1.000000 
_atom_sites.fract_transf_vector[1]      0.00000 
_atom_sites.fract_transf_vector[2]      0.00000 
_atom_sites.fract_transf_vector[3]      0.00000 
# 
loop_
_atom_type.symbol 
C 
H 
N 
O 
S 
# 
loop_
_atom_site.group_PDB 
_atom_site.id 
_atom_site.type_symbol 
_atom_site.label_atom_id 
_atom_site.label_alt_id 
_atom_site.label_comp_id 
_atom_site.label_asym_id 
_atom_site.label_entity_id 
_atom_site.label_seq_id 
_atom_site.pdbx_PDB_ins_code 
_atom_site.Cartn_x 
_atom_site.Cartn_y 
_atom_site.Cartn_z 
_atom_site.occupancy 
_atom_site.B_iso_or_equiv 
_atom_site.pdbx_formal_charge 
_atom_site.auth_seq_id 
_atom_site.auth_comp_id 
_atom_site.auth_asym_id 
_atom_site.auth_atom_id 
_atom_site.pdbx_PDB_model_num 
ATOM 1   N N    . ILE A 1 1  ? -2.972  -8.724  -18.873 1.00 7.03 ? 264 ILE A N    1 
ATOM 2   C CA   . ILE A 1 1  ? -3.817  -7.511  -19.073 1.00 6.37 ? 264 ILE A CA   1 
ATOM 3   C C    . ILE A 1 1  ? -3.434  -6.432  -18.056 1.00 5.32 ? 264 ILE A C    1 
ATOM 4   O O    . ILE A 1 1  ? -3.132  -6.720  -16.915 1.00 5.05 ? 264 ILE A O    1 
ATOM 5   C CB   . ILE A 1 1  ? -5.253  -7.981  -18.843 1.00 6.87 ? 264 ILE A CB   1 
ATOM 6   C CG1  . ILE A 1 1  ? -6.217  -6.817  -19.089 1.00 7.49 ? 264 ILE A CG1  1 
ATOM 7   C CG2  . ILE A 1 1  ? -5.405  -8.474  -17.404 1.00 7.18 ? 264 ILE A CG2  1 
ATOM 8   C CD1  . ILE A 1 1  ? -7.643  -7.261  -18.764 1.00 8.17 ? 264 ILE A CD1  1 
ATOM 9   H H1   . ILE A 1 1  ? -2.499  -8.669  -17.948 1.00 7.29 ? 264 ILE A H1   1 
ATOM 10  H H2   . ILE A 1 1  ? -2.255  -8.775  -19.626 1.00 7.27 ? 264 ILE A H2   1 
ATOM 11  H H3   . ILE A 1 1  ? -3.568  -9.576  -18.904 1.00 7.29 ? 264 ILE A H3   1 
ATOM 12  H HA   . ILE A 1 1  ? -3.706  -7.138  -20.078 1.00 6.67 ? 264 ILE A HA   1 
ATOM 13  H HB   . ILE A 1 1  ? -5.480  -8.788  -19.525 1.00 6.98 ? 264 ILE A HB   1 
ATOM 14  H HG12 . ILE A 1 1  ? -5.944  -5.986  -18.455 1.00 7.79 ? 264 ILE A HG12 1 
ATOM 15  H HG13 . ILE A 1 1  ? -6.162  -6.515  -20.124 1.00 7.47 ? 264 ILE A HG13 1 
ATOM 16  H HG21 . ILE A 1 1  ? -4.446  -8.810  -17.036 1.00 7.25 ? 264 ILE A HG21 1 
ATOM 17  H HG22 . ILE A 1 1  ? -6.108  -9.294  -17.377 1.00 7.43 ? 264 ILE A HG22 1 
ATOM 18  H HG23 . ILE A 1 1  ? -5.767  -7.668  -16.784 1.00 7.40 ? 264 ILE A HG23 1 
ATOM 19  H HD11 . ILE A 1 1  ? -7.930  -6.871  -17.799 1.00 8.48 ? 264 ILE A HD11 1 
ATOM 20  H HD12 . ILE A 1 1  ? -7.688  -8.340  -18.744 1.00 8.31 ? 264 ILE A HD12 1 
ATOM 21  H HD13 . ILE A 1 1  ? -8.319  -6.886  -19.520 1.00 8.46 ? 264 ILE A HD13 1 
ATOM 22  N N    . THR A 1 2  ? -3.438  -5.192  -18.463 1.00 5.13 ? 265 THR A N    1 
ATOM 23  C CA   . THR A 1 2  ? -3.068  -4.096  -17.523 1.00 4.55 ? 265 THR A CA   1 
ATOM 24  C C    . THR A 1 2  ? -4.303  -3.595  -16.769 1.00 3.66 ? 265 THR A C    1 
ATOM 25  O O    . THR A 1 2  ? -4.393  -2.438  -16.408 1.00 4.05 ? 265 THR A O    1 
ATOM 26  C CB   . THR A 1 2  ? -2.496  -2.991  -18.415 1.00 5.24 ? 265 THR A CB   1 
ATOM 27  O OG1  . THR A 1 2  ? -1.764  -2.071  -17.617 1.00 5.31 ? 265 THR A OG1  1 
ATOM 28  C CG2  . THR A 1 2  ? -3.634  -2.258  -19.128 1.00 5.42 ? 265 THR A CG2  1 
ATOM 29  H H    . THR A 1 2  ? -3.680  -4.981  -19.387 1.00 5.66 ? 265 THR A H    1 
ATOM 30  H HA   . THR A 1 2  ? -2.316  -4.435  -16.832 1.00 4.81 ? 265 THR A HA   1 
ATOM 31  H HB   . THR A 1 2  ? -1.839  -3.428  -19.152 1.00 6.01 ? 265 THR A HB   1 
ATOM 32  H HG1  . THR A 1 2  ? -0.830  -2.255  -17.734 1.00 5.45 ? 265 THR A HG1  1 
ATOM 33  H HG21 . THR A 1 2  ? -4.447  -2.947  -19.309 1.00 5.72 ? 265 THR A HG21 1 
ATOM 34  H HG22 . THR A 1 2  ? -3.278  -1.868  -20.071 1.00 5.47 ? 265 THR A HG22 1 
ATOM 35  H HG23 . THR A 1 2  ? -3.983  -1.445  -18.509 1.00 5.63 ? 265 THR A HG23 1 
ATOM 36  N N    . GLY A 1 3  ? -5.256  -4.453  -16.530 1.00 2.96 ? 266 GLY A N    1 
ATOM 37  C CA   . GLY A 1 3  ? -6.482  -4.018  -15.801 1.00 2.63 ? 266 GLY A CA   1 
ATOM 38  C C    . GLY A 1 3  ? -6.293  -4.241  -14.300 1.00 1.79 ? 266 GLY A C    1 
ATOM 39  O O    . GLY A 1 3  ? -7.133  -4.818  -13.639 1.00 2.11 ? 266 GLY A O    1 
ATOM 40  H H    . GLY A 1 3  ? -5.168  -5.382  -16.830 1.00 3.13 ? 266 GLY A H    1 
ATOM 41  H HA2  . GLY A 1 3  ? -6.659  -2.969  -15.993 1.00 3.15 ? 266 GLY A HA2  1 
ATOM 42  H HA3  . GLY A 1 3  ? -7.328  -4.594  -16.143 1.00 3.16 ? 266 GLY A HA3  1 
ATOM 43  N N    . ASP A 1 4  ? -5.197  -3.788  -13.754 1.00 1.52 ? 267 ASP A N    1 
ATOM 44  C CA   . ASP A 1 4  ? -4.959  -3.975  -12.297 1.00 1.73 ? 267 ASP A CA   1 
ATOM 45  C C    . ASP A 1 4  ? -5.563  -2.812  -11.507 1.00 1.65 ? 267 ASP A C    1 
ATOM 46  O O    . ASP A 1 4  ? -4.900  -2.178  -10.710 1.00 1.65 ? 267 ASP A O    1 
ATOM 47  C CB   . ASP A 1 4  ? -3.439  -4.001  -12.145 1.00 2.57 ? 267 ASP A CB   1 
ATOM 48  C CG   . ASP A 1 4  ? -2.970  -5.443  -11.940 1.00 3.33 ? 267 ASP A CG   1 
ATOM 49  O OD1  . ASP A 1 4  ? -3.819  -6.317  -11.878 1.00 3.82 ? 267 ASP A OD1  1 
ATOM 50  O OD2  . ASP A 1 4  ? -1.771  -5.648  -11.848 1.00 3.89 ? 267 ASP A OD2  1 
ATOM 51  H H    . ASP A 1 4  ? -4.531  -3.327  -14.303 1.00 1.93 ? 267 ASP A H    1 
ATOM 52  H HA   . ASP A 1 4  ? -5.376  -4.912  -11.969 1.00 2.07 ? 267 ASP A HA   1 
ATOM 53  H HB2  . ASP A 1 4  ? -2.981  -3.595  -13.034 1.00 2.75 ? 267 ASP A HB2  1 
ATOM 54  H HB3  . ASP A 1 4  ? -3.153  -3.407  -11.289 1.00 3.07 ? 267 ASP A HB3  1 
ATOM 55  N N    . VAL A 1 5  ? -6.820  -2.530  -11.721 1.00 1.73 ? 268 VAL A N    1 
ATOM 56  C CA   . VAL A 1 5  ? -7.474  -1.414  -10.981 1.00 1.78 ? 268 VAL A CA   1 
ATOM 57  C C    . VAL A 1 5  ? -7.166  -1.531  -9.486  1.00 1.59 ? 268 VAL A C    1 
ATOM 58  O O    . VAL A 1 5  ? -6.521  -2.468  -9.058  1.00 1.46 ? 268 VAL A O    1 
ATOM 59  C CB   . VAL A 1 5  ? -8.970  -1.600  -11.250 1.00 2.01 ? 268 VAL A CB   1 
ATOM 60  C CG1  . VAL A 1 5  ? -9.762  -0.479  -10.574 1.00 2.65 ? 268 VAL A CG1  1 
ATOM 61  C CG2  . VAL A 1 5  ? -9.224  -1.562  -12.759 1.00 2.40 ? 268 VAL A CG2  1 
ATOM 62  H H    . VAL A 1 5  ? -7.335  -3.056  -12.367 1.00 1.86 ? 268 VAL A H    1 
ATOM 63  H HA   . VAL A 1 5  ? -7.144  -0.460  -11.364 1.00 1.91 ? 268 VAL A HA   1 
ATOM 64  H HB   . VAL A 1 5  ? -9.290  -2.553  -10.854 1.00 2.32 ? 268 VAL A HB   1 
ATOM 65  H HG11 . VAL A 1 5  ? -10.756 -0.436  -10.996 1.00 2.94 ? 268 VAL A HG11 1 
ATOM 66  H HG12 . VAL A 1 5  ? -9.261  0.463   -10.736 1.00 3.07 ? 268 VAL A HG12 1 
ATOM 67  H HG13 . VAL A 1 5  ? -9.829  -0.675  -9.514  1.00 3.12 ? 268 VAL A HG13 1 
ATOM 68  H HG21 . VAL A 1 5  ? -8.618  -0.787  -13.206 1.00 2.88 ? 268 VAL A HG21 1 
ATOM 69  H HG22 . VAL A 1 5  ? -10.267 -1.354  -12.944 1.00 2.65 ? 268 VAL A HG22 1 
ATOM 70  H HG23 . VAL A 1 5  ? -8.964  -2.516  -13.191 1.00 2.84 ? 268 VAL A HG23 1 
ATOM 71  N N    . SER A 1 6  ? -7.617  -0.587  -8.694  1.00 1.63 ? 269 SER A N    1 
ATOM 72  C CA   . SER A 1 6  ? -7.352  -0.632  -7.221  1.00 1.54 ? 269 SER A CA   1 
ATOM 73  C C    . SER A 1 6  ? -7.328  -2.080  -6.725  1.00 1.44 ? 269 SER A C    1 
ATOM 74  O O    . SER A 1 6  ? -6.536  -2.443  -5.878  1.00 1.39 ? 269 SER A O    1 
ATOM 75  C CB   . SER A 1 6  ? -8.513  0.134   -6.589  1.00 1.69 ? 269 SER A CB   1 
ATOM 76  O OG   . SER A 1 6  ? -9.742  -0.398  -7.066  1.00 1.91 ? 269 SER A OG   1 
ATOM 77  H H    . SER A 1 6  ? -8.126  0.157   -9.069  1.00 1.78 ? 269 SER A H    1 
ATOM 78  H HA   . SER A 1 6  ? -6.419  -0.141  -6.993  1.00 1.54 ? 269 SER A HA   1 
ATOM 79  H HB2  . SER A 1 6  ? -8.475  0.031   -5.517  1.00 1.78 ? 269 SER A HB2  1 
ATOM 80  H HB3  . SER A 1 6  ? -8.436  1.181   -6.852  1.00 1.78 ? 269 SER A HB3  1 
ATOM 81  H HG   . SER A 1 6  ? -10.333 0.336   -7.245  1.00 2.05 ? 269 SER A HG   1 
ATOM 82  N N    . ALA A 1 7  ? -8.180  -2.912  -7.257  1.00 1.51 ? 270 ALA A N    1 
ATOM 83  C CA   . ALA A 1 7  ? -8.194  -4.335  -6.828  1.00 1.54 ? 270 ALA A CA   1 
ATOM 84  C C    . ALA A 1 7  ? -6.761  -4.869  -6.783  1.00 1.43 ? 270 ALA A C    1 
ATOM 85  O O    . ALA A 1 7  ? -6.257  -5.240  -5.741  1.00 1.46 ? 270 ALA A O    1 
ATOM 86  C CB   . ALA A 1 7  ? -9.005  -5.062  -7.901  1.00 1.69 ? 270 ALA A CB   1 
ATOM 87  H H    . ALA A 1 7  ? -8.803  -2.603  -7.944  1.00 1.60 ? 270 ALA A H    1 
ATOM 88  H HA   . ALA A 1 7  ? -8.671  -4.434  -5.869  1.00 1.62 ? 270 ALA A HA   1 
ATOM 89  H HB1  . ALA A 1 7  ? -8.469  -5.943  -8.223  1.00 2.06 ? 270 ALA A HB1  1 
ATOM 90  H HB2  . ALA A 1 7  ? -9.156  -4.405  -8.745  1.00 1.98 ? 270 ALA A HB2  1 
ATOM 91  H HB3  . ALA A 1 7  ? -9.962  -5.352  -7.495  1.00 2.00 ? 270 ALA A HB3  1 
ATOM 92  N N    . ALA A 1 8  ? -6.100  -4.901  -7.907  1.00 1.39 ? 271 ALA A N    1 
ATOM 93  C CA   . ALA A 1 8  ? -4.703  -5.399  -7.937  1.00 1.37 ? 271 ALA A CA   1 
ATOM 94  C C    . ALA A 1 8  ? -3.774  -4.389  -7.263  1.00 1.29 ? 271 ALA A C    1 
ATOM 95  O O    . ALA A 1 8  ? -3.054  -4.711  -6.337  1.00 1.31 ? 271 ALA A O    1 
ATOM 96  C CB   . ALA A 1 8  ? -4.362  -5.536  -9.422  1.00 1.46 ? 271 ALA A CB   1 
ATOM 97  H H    . ALA A 1 8  ? -6.522  -4.596  -8.729  1.00 1.45 ? 271 ALA A H    1 
ATOM 98  H HA   . ALA A 1 8  ? -4.643  -6.355  -7.456  1.00 1.42 ? 271 ALA A HA   1 
ATOM 99  H HB1  . ALA A 1 8  ? -5.208  -5.951  -9.950  1.00 1.84 ? 271 ALA A HB1  1 
ATOM 100 H HB2  . ALA A 1 8  ? -3.511  -6.192  -9.536  1.00 1.72 ? 271 ALA A HB2  1 
ATOM 101 H HB3  . ALA A 1 8  ? -4.125  -4.564  -9.828  1.00 1.85 ? 271 ALA A HB3  1 
ATOM 102 N N    . ASN A 1 9  ? -3.786  -3.165  -7.718  1.00 1.27 ? 272 ASN A N    1 
ATOM 103 C CA   . ASN A 1 9  ? -2.907  -2.130  -7.103  1.00 1.26 ? 272 ASN A CA   1 
ATOM 104 C C    . ASN A 1 9  ? -2.988  -2.212  -5.577  1.00 1.19 ? 272 ASN A C    1 
ATOM 105 O O    . ASN A 1 9  ? -1.999  -2.432  -4.907  1.00 1.22 ? 272 ASN A O    1 
ATOM 106 C CB   . ASN A 1 9  ? -3.459  -0.793  -7.600  1.00 1.30 ? 272 ASN A CB   1 
ATOM 107 C CG   . ASN A 1 9  ? -2.409  -0.103  -8.476  1.00 1.70 ? 272 ASN A CG   1 
ATOM 108 O OD1  . ASN A 1 9  ? -1.237  -0.414  -8.397  1.00 2.27 ? 272 ASN A OD1  1 
ATOM 109 N ND2  . ASN A 1 9  ? -2.783  0.825   -9.312  1.00 2.06 ? 272 ASN A ND2  1 
ATOM 110 H H    . ASN A 1 9  ? -4.376  -2.925  -8.463  1.00 1.30 ? 272 ASN A H    1 
ATOM 111 H HA   . ASN A 1 9  ? -1.889  -2.255  -7.434  1.00 1.35 ? 272 ASN A HA   1 
ATOM 112 H HB2  . ASN A 1 9  ? -4.354  -0.967  -8.179  1.00 1.37 ? 272 ASN A HB2  1 
ATOM 113 H HB3  . ASN A 1 9  ? -3.691  -0.162  -6.757  1.00 1.33 ? 272 ASN A HB3  1 
ATOM 114 H HD21 . ASN A 1 9  ? -3.728  1.077   -9.377  1.00 2.33 ? 272 ASN A HD21 1 
ATOM 115 H HD22 . ASN A 1 9  ? -2.118  1.273   -9.877  1.00 2.40 ? 272 ASN A HD22 1 
ATOM 116 N N    . LYS A 1 10 ? -4.159  -2.041  -5.024  1.00 1.18 ? 273 LYS A N    1 
ATOM 117 C CA   . LYS A 1 10 ? -4.298  -2.116  -3.543  1.00 1.20 ? 273 LYS A CA   1 
ATOM 118 C C    . LYS A 1 10 ? -3.483  -3.295  -3.008  1.00 1.22 ? 273 LYS A C    1 
ATOM 119 O O    . LYS A 1 10 ? -2.596  -3.130  -2.195  1.00 1.23 ? 273 LYS A O    1 
ATOM 120 C CB   . LYS A 1 10 ? -5.791  -2.335  -3.291  1.00 1.28 ? 273 LYS A CB   1 
ATOM 121 C CG   . LYS A 1 10 ? -6.069  -2.271  -1.787  1.00 1.57 ? 273 LYS A CG   1 
ATOM 122 C CD   . LYS A 1 10 ? -7.500  -1.784  -1.549  1.00 1.88 ? 273 LYS A CD   1 
ATOM 123 C CE   . LYS A 1 10 ? -8.093  -2.510  -0.340  1.00 2.43 ? 273 LYS A CE   1 
ATOM 124 N NZ   . LYS A 1 10 ? -9.569  -2.425  -0.528  1.00 2.94 ? 273 LYS A NZ   1 
ATOM 125 H H    . LYS A 1 10 ? -4.944  -1.867  -5.580  1.00 1.20 ? 273 LYS A H    1 
ATOM 126 H HA   . LYS A 1 10 ? -3.978  -1.194  -3.089  1.00 1.21 ? 273 LYS A HA   1 
ATOM 127 H HB2  . LYS A 1 10 ? -6.358  -1.565  -3.797  1.00 1.70 ? 273 LYS A HB2  1 
ATOM 128 H HB3  . LYS A 1 10 ? -6.083  -3.303  -3.669  1.00 1.61 ? 273 LYS A HB3  1 
ATOM 129 H HG2  . LYS A 1 10 ? -5.947  -3.255  -1.358  1.00 2.10 ? 273 LYS A HG2  1 
ATOM 130 H HG3  . LYS A 1 10 ? -5.375  -1.586  -1.323  1.00 2.03 ? 273 LYS A HG3  1 
ATOM 131 H HD2  . LYS A 1 10 ? -7.491  -0.719  -1.363  1.00 2.32 ? 273 LYS A HD2  1 
ATOM 132 H HD3  . LYS A 1 10 ? -8.101  -1.991  -2.422  1.00 2.22 ? 273 LYS A HD3  1 
ATOM 133 H HE2  . LYS A 1 10 ? -7.771  -3.543  -0.329  1.00 2.80 ? 273 LYS A HE2  1 
ATOM 134 H HE3  . LYS A 1 10 ? -7.808  -2.015  0.574   1.00 2.87 ? 273 LYS A HE3  1 
ATOM 135 H HZ1  . LYS A 1 10 ? -9.861  -1.427  -0.532  1.00 3.26 ? 273 LYS A HZ1  1 
ATOM 136 H HZ2  . LYS A 1 10 ? -10.046 -2.924  0.252   1.00 3.05 ? 273 LYS A HZ2  1 
ATOM 137 H HZ3  . LYS A 1 10 ? -9.829  -2.864  -1.433  1.00 3.47 ? 273 LYS A HZ3  1 
ATOM 138 N N    . ASP A 1 11 ? -3.772  -4.482  -3.466  1.00 1.30 ? 274 ASP A N    1 
ATOM 139 C CA   . ASP A 1 11 ? -3.009  -5.669  -2.993  1.00 1.38 ? 274 ASP A CA   1 
ATOM 140 C C    . ASP A 1 11 ? -1.512  -5.350  -2.972  1.00 1.36 ? 274 ASP A C    1 
ATOM 141 O O    . ASP A 1 11 ? -0.892  -5.304  -1.928  1.00 1.38 ? 274 ASP A O    1 
ATOM 142 C CB   . ASP A 1 11 ? -3.310  -6.765  -4.015  1.00 1.48 ? 274 ASP A CB   1 
ATOM 143 C CG   . ASP A 1 11 ? -3.195  -8.135  -3.343  1.00 1.76 ? 274 ASP A CG   1 
ATOM 144 O OD1  . ASP A 1 11 ? -4.179  -8.578  -2.773  1.00 2.06 ? 274 ASP A OD1  1 
ATOM 145 O OD2  . ASP A 1 11 ? -2.126  -8.718  -3.412  1.00 2.29 ? 274 ASP A OD2  1 
ATOM 146 H H    . ASP A 1 11 ? -4.487  -4.593  -4.124  1.00 1.33 ? 274 ASP A H    1 
ATOM 147 H HA   . ASP A 1 11 ? -3.349  -5.968  -2.016  1.00 1.42 ? 274 ASP A HA   1 
ATOM 148 H HB2  . ASP A 1 11 ? -4.312  -6.634  -4.398  1.00 1.51 ? 274 ASP A HB2  1 
ATOM 149 H HB3  . ASP A 1 11 ? -2.602  -6.704  -4.827  1.00 1.52 ? 274 ASP A HB3  1 
ATOM 150 N N    . ALA A 1 12 ? -0.929  -5.125  -4.119  1.00 1.39 ? 275 ALA A N    1 
ATOM 151 C CA   . ALA A 1 12 ? 0.523   -4.804  -4.165  1.00 1.45 ? 275 ALA A CA   1 
ATOM 152 C C    . ALA A 1 12 ? 0.872   -3.812  -3.054  1.00 1.36 ? 275 ALA A C    1 
ATOM 153 O O    . ALA A 1 12 ? 1.580   -4.136  -2.121  1.00 1.38 ? 275 ALA A O    1 
ATOM 154 C CB   . ALA A 1 12 ? 0.746   -4.173  -5.541  1.00 1.51 ? 275 ALA A CB   1 
ATOM 155 H H    . ALA A 1 12 ? -1.447  -5.165  -4.948  1.00 1.41 ? 275 ALA A H    1 
ATOM 156 H HA   . ALA A 1 12 ? 1.109   -5.702  -4.072  1.00 1.56 ? 275 ALA A HA   1 
ATOM 157 H HB1  . ALA A 1 12 ? 1.752   -4.382  -5.874  1.00 1.73 ? 275 ALA A HB1  1 
ATOM 158 H HB2  . ALA A 1 12 ? 0.603   -3.105  -5.474  1.00 1.85 ? 275 ALA A HB2  1 
ATOM 159 H HB3  . ALA A 1 12 ? 0.039   -4.586  -6.245  1.00 1.90 ? 275 ALA A HB3  1 
ATOM 160 N N    . ILE A 1 13 ? 0.377   -2.607  -3.144  1.00 1.32 ? 276 ILE A N    1 
ATOM 161 C CA   . ILE A 1 13 ? 0.676   -1.599  -2.090  1.00 1.30 ? 276 ILE A CA   1 
ATOM 162 C C    . ILE A 1 13 ? 0.569   -2.244  -0.706  1.00 1.20 ? 276 ILE A C    1 
ATOM 163 O O    . ILE A 1 13 ? 1.418   -2.060  0.142   1.00 1.17 ? 276 ILE A O    1 
ATOM 164 C CB   . ILE A 1 13 ? -0.389  -0.516  -2.263  1.00 1.35 ? 276 ILE A CB   1 
ATOM 165 C CG1  . ILE A 1 13 ? -0.130  0.253   -3.560  1.00 1.49 ? 276 ILE A CG1  1 
ATOM 166 C CG2  . ILE A 1 13 ? -0.330  0.450   -1.077  1.00 1.40 ? 276 ILE A CG2  1 
ATOM 167 C CD1  . ILE A 1 13 ? -1.377  1.056   -3.936  1.00 1.53 ? 276 ILE A CD1  1 
ATOM 168 H H    . ILE A 1 13 ? -0.193  -2.367  -3.901  1.00 1.35 ? 276 ILE A H    1 
ATOM 169 H HA   . ILE A 1 13 ? 1.656   -1.180  -2.240  1.00 1.37 ? 276 ILE A HA   1 
ATOM 170 H HB   . ILE A 1 13 ? -1.366  -0.976  -2.302  1.00 1.33 ? 276 ILE A HB   1 
ATOM 171 H HG12 . ILE A 1 13 ? 0.703   0.927   -3.418  1.00 1.60 ? 276 ILE A HG12 1 
ATOM 172 H HG13 . ILE A 1 13 ? 0.101   -0.443  -4.351  1.00 1.71 ? 276 ILE A HG13 1 
ATOM 173 H HG21 . ILE A 1 13 ? 0.013   1.416   -1.418  1.00 1.66 ? 276 ILE A HG21 1 
ATOM 174 H HG22 . ILE A 1 13 ? 0.354   0.067   -0.334  1.00 1.90 ? 276 ILE A HG22 1 
ATOM 175 H HG23 . ILE A 1 13 ? -1.314  0.551   -0.644  1.00 1.67 ? 276 ILE A HG23 1 
ATOM 176 H HD11 . ILE A 1 13 ? -2.189  0.377   -4.154  1.00 1.80 ? 276 ILE A HD11 1 
ATOM 177 H HD12 . ILE A 1 13 ? -1.168  1.658   -4.807  1.00 1.89 ? 276 ILE A HD12 1 
ATOM 178 H HD13 . ILE A 1 13 ? -1.655  1.696   -3.112  1.00 1.93 ? 276 ILE A HD13 1 
ATOM 179 N N    . ARG A 1 14 ? -0.468  -3.003  -0.475  1.00 1.21 ? 277 ARG A N    1 
ATOM 180 C CA   . ARG A 1 14 ? -0.624  -3.664  0.852   1.00 1.19 ? 277 ARG A CA   1 
ATOM 181 C C    . ARG A 1 14 ? 0.676   -4.376  1.233   1.00 1.19 ? 277 ARG A C    1 
ATOM 182 O O    . ARG A 1 14 ? 1.309   -4.049  2.217   1.00 1.11 ? 277 ARG A O    1 
ATOM 183 C CB   . ARG A 1 14 ? -1.755  -4.674  0.664   1.00 1.32 ? 277 ARG A CB   1 
ATOM 184 C CG   . ARG A 1 14 ? -2.905  -4.338  1.616   1.00 1.50 ? 277 ARG A CG   1 
ATOM 185 C CD   . ARG A 1 14 ? -4.178  -4.080  0.807   1.00 1.54 ? 277 ARG A CD   1 
ATOM 186 N NE   . ARG A 1 14 ? -5.141  -3.496  1.783   1.00 1.81 ? 277 ARG A NE   1 
ATOM 187 C CZ   . ARG A 1 14 ? -5.723  -4.261  2.667   1.00 2.24 ? 277 ARG A CZ   1 
ATOM 188 N NH1  . ARG A 1 14 ? -5.467  -5.542  2.699   1.00 2.61 ? 277 ARG A NH1  1 
ATOM 189 N NH2  . ARG A 1 14 ? -6.562  -3.744  3.521   1.00 2.91 ? 277 ARG A NH2  1 
ATOM 190 H H    . ARG A 1 14 ? -1.140  -3.143  -1.174  1.00 1.26 ? 277 ARG A H    1 
ATOM 191 H HA   . ARG A 1 14 ? -0.893  -2.940  1.605   1.00 1.14 ? 277 ARG A HA   1 
ATOM 192 H HB2  . ARG A 1 14 ? -2.109  -4.633  -0.355  1.00 1.47 ? 277 ARG A HB2  1 
ATOM 193 H HB3  . ARG A 1 14 ? -1.392  -5.668  0.880   1.00 1.67 ? 277 ARG A HB3  1 
ATOM 194 H HG2  . ARG A 1 14 ? -3.067  -5.166  2.291   1.00 2.06 ? 277 ARG A HG2  1 
ATOM 195 H HG3  . ARG A 1 14 ? -2.655  -3.454  2.183   1.00 1.95 ? 277 ARG A HG3  1 
ATOM 196 H HD2  . ARG A 1 14 ? -3.978  -3.380  0.007   1.00 1.94 ? 277 ARG A HD2  1 
ATOM 197 H HD3  . ARG A 1 14 ? -4.567  -5.005  0.412   1.00 2.01 ? 277 ARG A HD3  1 
ATOM 198 H HE   . ARG A 1 14 ? -5.337  -2.536  1.762   1.00 2.22 ? 277 ARG A HE   1 
ATOM 199 H HH11 . ARG A 1 14 ? -4.824  -5.941  2.045   1.00 2.58 ? 277 ARG A HH11 1 
ATOM 200 H HH12 . ARG A 1 14 ? -5.914  -6.124  3.378   1.00 3.25 ? 277 ARG A HH12 1 
ATOM 201 H HH21 . ARG A 1 14 ? -6.759  -2.764  3.498   1.00 3.20 ? 277 ARG A HH21 1 
ATOM 202 H HH22 . ARG A 1 14 ? -7.009  -4.328  4.200   1.00 3.40 ? 277 ARG A HH22 1 
ATOM 203 N N    . LYS A 1 15 ? 1.084   -5.343  0.456   1.00 1.32 ? 278 LYS A N    1 
ATOM 204 C CA   . LYS A 1 15 ? 2.345   -6.067  0.770   1.00 1.39 ? 278 LYS A CA   1 
ATOM 205 C C    . LYS A 1 15 ? 3.430   -5.067  1.176   1.00 1.25 ? 278 LYS A C    1 
ATOM 206 O O    . LYS A 1 15 ? 3.862   -5.030  2.311   1.00 1.18 ? 278 LYS A O    1 
ATOM 207 C CB   . LYS A 1 15 ? 2.728   -6.781  -0.527  1.00 1.60 ? 278 LYS A CB   1 
ATOM 208 C CG   . LYS A 1 15 ? 3.128   -8.225  -0.218  1.00 1.99 ? 278 LYS A CG   1 
ATOM 209 C CD   . LYS A 1 15 ? 3.402   -8.970  -1.526  1.00 2.39 ? 278 LYS A CD   1 
ATOM 210 C CE   . LYS A 1 15 ? 2.396   -10.111 -1.683  1.00 2.87 ? 278 LYS A CE   1 
ATOM 211 N NZ   . LYS A 1 15 ? 3.193   -11.354 -1.494  1.00 3.63 ? 278 LYS A NZ   1 
ATOM 212 H H    . LYS A 1 15 ? 0.563   -5.589  -0.335  1.00 1.41 ? 278 LYS A H    1 
ATOM 213 H HA   . LYS A 1 15 ? 2.179   -6.787  1.554   1.00 1.42 ? 278 LYS A HA   1 
ATOM 214 H HB2  . LYS A 1 15 ? 1.885   -6.777  -1.203  1.00 1.76 ? 278 LYS A HB2  1 
ATOM 215 H HB3  . LYS A 1 15 ? 3.560   -6.269  -0.987  1.00 1.65 ? 278 LYS A HB3  1 
ATOM 216 H HG2  . LYS A 1 15 ? 4.020   -8.227  0.392   1.00 2.33 ? 278 LYS A HG2  1 
ATOM 217 H HG3  . LYS A 1 15 ? 2.326   -8.715  0.312   1.00 2.32 ? 278 LYS A HG3  1 
ATOM 218 H HD2  . LYS A 1 15 ? 3.306   -8.286  -2.356  1.00 2.87 ? 278 LYS A HD2  1 
ATOM 219 H HD3  . LYS A 1 15 ? 4.403   -9.375  -1.507  1.00 2.65 ? 278 LYS A HD3  1 
ATOM 220 H HE2  . LYS A 1 15 ? 1.623   -10.037 -0.929  1.00 3.09 ? 278 LYS A HE2  1 
ATOM 221 H HE3  . LYS A 1 15 ? 1.961   -10.097 -2.671  1.00 3.19 ? 278 LYS A HE3  1 
ATOM 222 H HZ1  . LYS A 1 15 ? 3.791   -11.258 -0.649  1.00 4.03 ? 278 LYS A HZ1  1 
ATOM 223 H HZ2  . LYS A 1 15 ? 3.794   -11.512 -2.329  1.00 3.92 ? 278 LYS A HZ2  1 
ATOM 224 H HZ3  . LYS A 1 15 ? 2.552   -12.164 -1.370  1.00 3.95 ? 278 LYS A HZ3  1 
ATOM 225 N N    . GLN A 1 16 ? 3.869   -4.252  0.255   1.00 1.27 ? 279 GLN A N    1 
ATOM 226 C CA   . GLN A 1 16 ? 4.920   -3.250  0.585   1.00 1.21 ? 279 GLN A CA   1 
ATOM 227 C C    . GLN A 1 16 ? 4.615   -2.600  1.936   1.00 0.98 ? 279 GLN A C    1 
ATOM 228 O O    . GLN A 1 16 ? 5.455   -2.539  2.811   1.00 0.93 ? 279 GLN A O    1 
ATOM 229 C CB   . GLN A 1 16 ? 4.846   -2.215  -0.538  1.00 1.33 ? 279 GLN A CB   1 
ATOM 230 C CG   . GLN A 1 16 ? 6.224   -2.062  -1.185  1.00 1.60 ? 279 GLN A CG   1 
ATOM 231 C CD   . GLN A 1 16 ? 6.063   -1.483  -2.592  1.00 2.05 ? 279 GLN A CD   1 
ATOM 232 O OE1  . GLN A 1 16 ? 4.979   -1.098  -2.982  1.00 2.61 ? 279 GLN A OE1  1 
ATOM 233 N NE2  . GLN A 1 16 ? 7.104   -1.402  -3.374  1.00 2.65 ? 279 GLN A NE2  1 
ATOM 234 H H    . GLN A 1 16 ? 3.507   -4.296  -0.652  1.00 1.38 ? 279 GLN A H    1 
ATOM 235 H HA   . GLN A 1 16 ? 5.891   -3.715  0.597   1.00 1.30 ? 279 GLN A HA   1 
ATOM 236 H HB2  . GLN A 1 16 ? 4.133   -2.541  -1.280  1.00 1.45 ? 279 GLN A HB2  1 
ATOM 237 H HB3  . GLN A 1 16 ? 4.534   -1.264  -0.131  1.00 1.38 ? 279 GLN A HB3  1 
ATOM 238 H HG2  . GLN A 1 16 ? 6.830   -1.398  -0.587  1.00 1.95 ? 279 GLN A HG2  1 
ATOM 239 H HG3  . GLN A 1 16 ? 6.701   -3.029  -1.248  1.00 2.04 ? 279 GLN A HG3  1 
ATOM 240 H HE21 . GLN A 1 16 ? 7.979   -1.712  -3.059  1.00 2.87 ? 279 GLN A HE21 1 
ATOM 241 H HE22 . GLN A 1 16 ? 7.011   -1.033  -4.277  1.00 3.25 ? 279 GLN A HE22 1 
ATOM 242 N N    . MET A 1 17 ? 3.415   -2.117  2.111   1.00 0.90 ? 280 MET A N    1 
ATOM 243 C CA   . MET A 1 17 ? 3.051   -1.473  3.406   1.00 0.74 ? 280 MET A CA   1 
ATOM 244 C C    . MET A 1 17 ? 3.265   -2.457  4.559   1.00 0.66 ? 280 MET A C    1 
ATOM 245 O O    . MET A 1 17 ? 4.052   -2.217  5.451   1.00 0.59 ? 280 MET A O    1 
ATOM 246 C CB   . MET A 1 17 ? 1.570   -1.117  3.269   1.00 0.84 ? 280 MET A CB   1 
ATOM 247 C CG   . MET A 1 17 ? 1.434   0.331   2.796   1.00 1.10 ? 280 MET A CG   1 
ATOM 248 S SD   . MET A 1 17 ? 0.285   1.214   3.882   1.00 1.63 ? 280 MET A SD   1 
ATOM 249 C CE   . MET A 1 17 ? -1.148  0.142   3.615   1.00 1.29 ? 280 MET A CE   1 
ATOM 250 H H    . MET A 1 17 ? 2.752   -2.179  1.393   1.00 1.00 ? 280 MET A H    1 
ATOM 251 H HA   . MET A 1 17 ? 3.633   -0.578  3.559   1.00 0.73 ? 280 MET A HA   1 
ATOM 252 H HB2  . MET A 1 17 ? 1.107   -1.777  2.549   1.00 1.28 ? 280 MET A HB2  1 
ATOM 253 H HB3  . MET A 1 17 ? 1.084   -1.228  4.226   1.00 1.38 ? 280 MET A HB3  1 
ATOM 254 H HG2  . MET A 1 17 ? 2.401   0.813   2.826   1.00 1.56 ? 280 MET A HG2  1 
ATOM 255 H HG3  . MET A 1 17 ? 1.056   0.346   1.784   1.00 1.55 ? 280 MET A HG3  1 
ATOM 256 H HE1  . MET A 1 17 ? -1.714  0.066   4.534   1.00 1.67 ? 280 MET A HE1  1 
ATOM 257 H HE2  . MET A 1 17 ? -0.815  -0.839  3.317   1.00 1.66 ? 280 MET A HE2  1 
ATOM 258 H HE3  . MET A 1 17 ? -1.770  0.561   2.837   1.00 1.81 ? 280 MET A HE3  1 
ATOM 259 N N    . ASP A 1 18 ? 2.571   -3.563  4.545   1.00 0.83 ? 281 ASP A N    1 
ATOM 260 C CA   . ASP A 1 18 ? 2.741   -4.559  5.640   1.00 0.87 ? 281 ASP A CA   1 
ATOM 261 C C    . ASP A 1 18 ? 4.226   -4.734  5.962   1.00 0.81 ? 281 ASP A C    1 
ATOM 262 O O    . ASP A 1 18 ? 4.647   -4.613  7.094   1.00 0.80 ? 281 ASP A O    1 
ATOM 263 C CB   . ASP A 1 18 ? 2.154   -5.860  5.088   1.00 1.06 ? 281 ASP A CB   1 
ATOM 264 C CG   . ASP A 1 18 ? 1.500   -6.647  6.224   1.00 1.24 ? 281 ASP A CG   1 
ATOM 265 O OD1  . ASP A 1 18 ? 2.060   -6.661  7.308   1.00 1.69 ? 281 ASP A OD1  1 
ATOM 266 O OD2  . ASP A 1 18 ? 0.451   -7.224  5.992   1.00 1.73 ? 281 ASP A OD2  1 
ATOM 267 H H    . ASP A 1 18 ? 1.943   -3.738  3.814   1.00 1.00 ? 281 ASP A H    1 
ATOM 268 H HA   . ASP A 1 18 ? 2.196   -4.252  6.520   1.00 0.90 ? 281 ASP A HA   1 
ATOM 269 H HB2  . ASP A 1 18 ? 1.414   -5.630  4.335   1.00 1.15 ? 281 ASP A HB2  1 
ATOM 270 H HB3  . ASP A 1 18 ? 2.943   -6.452  4.650   1.00 1.10 ? 281 ASP A HB3  1 
ATOM 271 N N    . ALA A 1 19 ? 5.024   -5.020  4.970   1.00 0.87 ? 282 ALA A N    1 
ATOM 272 C CA   . ALA A 1 19 ? 6.480   -5.202  5.212   1.00 0.93 ? 282 ALA A CA   1 
ATOM 273 C C    . ALA A 1 19 ? 7.052   -3.982  5.942   1.00 0.80 ? 282 ALA A C    1 
ATOM 274 O O    . ALA A 1 19 ? 7.409   -4.051  7.101   1.00 0.98 ? 282 ALA A O    1 
ATOM 275 C CB   . ALA A 1 19 ? 7.098   -5.335  3.821   1.00 1.13 ? 282 ALA A CB   1 
ATOM 276 H H    . ALA A 1 19 ? 4.668   -5.116  4.067   1.00 0.96 ? 282 ALA A H    1 
ATOM 277 H HA   . ALA A 1 19 ? 6.652   -6.099  5.779   1.00 1.02 ? 282 ALA A HA   1 
ATOM 278 H HB1  . ALA A 1 19 ? 7.585   -6.295  3.733   1.00 1.57 ? 282 ALA A HB1  1 
ATOM 279 H HB2  . ALA A 1 19 ? 7.825   -4.549  3.673   1.00 1.53 ? 282 ALA A HB2  1 
ATOM 280 H HB3  . ALA A 1 19 ? 6.324   -5.255  3.073   1.00 1.56 ? 282 ALA A HB3  1 
ATOM 281 N N    . ALA A 1 20 ? 7.143   -2.867  5.269   1.00 0.72 ? 283 ALA A N    1 
ATOM 282 C CA   . ALA A 1 20 ? 7.695   -1.643  5.919   1.00 0.71 ? 283 ALA A CA   1 
ATOM 283 C C    . ALA A 1 20 ? 6.860   -1.266  7.147   1.00 0.61 ? 283 ALA A C    1 
ATOM 284 O O    . ALA A 1 20 ? 7.267   -0.462  7.962   1.00 0.78 ? 283 ALA A O    1 
ATOM 285 C CB   . ALA A 1 20 ? 7.598   -0.552  4.853   1.00 0.82 ? 283 ALA A CB   1 
ATOM 286 H H    . ALA A 1 20 ? 6.849   -2.834  4.334   1.00 0.84 ? 283 ALA A H    1 
ATOM 287 H HA   . ALA A 1 20 ? 8.726   -1.795  6.197   1.00 0.83 ? 283 ALA A HA   1 
ATOM 288 H HB1  . ALA A 1 20 ? 8.589   -0.201  4.605   1.00 1.36 ? 283 ALA A HB1  1 
ATOM 289 H HB2  . ALA A 1 20 ? 7.009   0.270   5.232   1.00 1.35 ? 283 ALA A HB2  1 
ATOM 290 H HB3  . ALA A 1 20 ? 7.126   -0.954  3.969   1.00 1.26 ? 283 ALA A HB3  1 
ATOM 291 N N    . ALA A 1 21 ? 5.695   -1.837  7.285   1.00 0.52 ? 284 ALA A N    1 
ATOM 292 C CA   . ALA A 1 21 ? 4.838   -1.504  8.460   1.00 0.60 ? 284 ALA A CA   1 
ATOM 293 C C    . ALA A 1 21 ? 5.380   -2.177  9.724   1.00 0.81 ? 284 ALA A C    1 
ATOM 294 O O    . ALA A 1 21 ? 6.019   -1.553  10.544  1.00 0.97 ? 284 ALA A O    1 
ATOM 295 C CB   . ALA A 1 21 ? 3.453   -2.053  8.113   1.00 0.65 ? 284 ALA A CB   1 
ATOM 296 H H    . ALA A 1 21 ? 5.382   -2.481  6.616   1.00 0.56 ? 284 ALA A H    1 
ATOM 297 H HA   . ALA A 1 21 ? 4.786   -0.436  8.595   1.00 0.64 ? 284 ALA A HA   1 
ATOM 298 H HB1  . ALA A 1 21 ? 3.552   -2.850  7.391   1.00 1.25 ? 284 ALA A HB1  1 
ATOM 299 H HB2  . ALA A 1 21 ? 2.847   -1.263  7.696   1.00 1.23 ? 284 ALA A HB2  1 
ATOM 300 H HB3  . ALA A 1 21 ? 2.984   -2.434  9.007   1.00 1.17 ? 284 ALA A HB3  1 
ATOM 301 N N    . SER A 1 22 ? 5.122   -3.444  9.891   1.00 0.88 ? 285 SER A N    1 
ATOM 302 C CA   . SER A 1 22 ? 5.615   -4.149  11.106  1.00 1.12 ? 285 SER A CA   1 
ATOM 303 C C    . SER A 1 22 ? 7.054   -4.630  10.900  1.00 1.11 ? 285 SER A C    1 
ATOM 304 O O    . SER A 1 22 ? 7.394   -5.750  11.230  1.00 1.23 ? 285 SER A O    1 
ATOM 305 C CB   . SER A 1 22 ? 4.673   -5.338  11.282  1.00 1.26 ? 285 SER A CB   1 
ATOM 306 O OG   . SER A 1 22 ? 3.329   -4.895  11.155  1.00 1.90 ? 285 SER A OG   1 
ATOM 307 H H    . SER A 1 22 ? 4.602   -3.929  9.222   1.00 0.83 ? 285 SER A H    1 
ATOM 308 H HA   . SER A 1 22 ? 5.553   -3.502  11.965  1.00 1.27 ? 285 SER A HA   1 
ATOM 309 H HB2  . SER A 1 22 ? 4.876   -6.077  10.526  1.00 1.73 ? 285 SER A HB2  1 
ATOM 310 H HB3  . SER A 1 22 ? 4.827   -5.777  12.260  1.00 1.56 ? 285 SER A HB3  1 
ATOM 311 H HG   . SER A 1 22 ? 2.915   -5.400  10.451  1.00 2.36 ? 285 SER A HG   1 
ATOM 312 N N    . LYS A 1 23 ? 7.902   -3.800  10.359  1.00 1.05 ? 286 LYS A N    1 
ATOM 313 C CA   . LYS A 1 23 ? 9.312   -4.222  10.140  1.00 1.16 ? 286 LYS A CA   1 
ATOM 314 C C    . LYS A 1 23 ? 10.283  -3.162  10.666  1.00 1.34 ? 286 LYS A C    1 
ATOM 315 O O    . LYS A 1 23 ? 11.484  -3.339  10.635  1.00 1.64 ? 286 LYS A O    1 
ATOM 316 C CB   . LYS A 1 23 ? 9.453   -4.378  8.626   1.00 1.07 ? 286 LYS A CB   1 
ATOM 317 C CG   . LYS A 1 23 ? 10.915  -4.665  8.277   1.00 1.38 ? 286 LYS A CG   1 
ATOM 318 C CD   . LYS A 1 23 ? 10.991  -5.892  7.366   1.00 2.06 ? 286 LYS A CD   1 
ATOM 319 C CE   . LYS A 1 23 ? 12.205  -6.740  7.752   1.00 2.64 ? 286 LYS A CE   1 
ATOM 320 N NZ   . LYS A 1 23 ? 12.810  -7.159  6.457   1.00 3.16 ? 286 LYS A NZ   1 
ATOM 321 H H    . LYS A 1 23 ? 7.614   -2.904  10.100  1.00 0.99 ? 286 LYS A H    1 
ATOM 322 H HA   . LYS A 1 23 ? 9.490   -5.163  10.622  1.00 1.25 ? 286 LYS A HA   1 
ATOM 323 H HB2  . LYS A 1 23 ? 8.834   -5.195  8.288   1.00 1.04 ? 286 LYS A HB2  1 
ATOM 324 H HB3  . LYS A 1 23 ? 9.143   -3.465  8.139   1.00 1.04 ? 286 LYS A HB3  1 
ATOM 325 H HG2  . LYS A 1 23 ? 11.338  -3.811  7.769   1.00 1.62 ? 286 LYS A HG2  1 
ATOM 326 H HG3  . LYS A 1 23 ? 11.470  -4.857  9.182   1.00 1.65 ? 286 LYS A HG3  1 
ATOM 327 H HD2  . LYS A 1 23 ? 10.091  -6.479  7.477   1.00 2.46 ? 286 LYS A HD2  1 
ATOM 328 H HD3  . LYS A 1 23 ? 11.090  -5.573  6.339   1.00 2.49 ? 286 LYS A HD3  1 
ATOM 329 H HE2  . LYS A 1 23 ? 12.908  -6.149  8.324   1.00 3.03 ? 286 LYS A HE2  1 
ATOM 330 H HE3  . LYS A 1 23 ? 11.896  -7.607  8.314   1.00 3.00 ? 286 LYS A HE3  1 
ATOM 331 H HZ1  . LYS A 1 23 ? 12.336  -8.019  6.116   1.00 3.44 ? 286 LYS A HZ1  1 
ATOM 332 H HZ2  . LYS A 1 23 ? 13.824  -7.351  6.593   1.00 3.46 ? 286 LYS A HZ2  1 
ATOM 333 H HZ3  . LYS A 1 23 ? 12.691  -6.400  5.757   1.00 3.54 ? 286 LYS A HZ3  1 
ATOM 334 N N    . GLY A 1 24 ? 9.776   -2.063  11.148  1.00 1.25 ? 287 GLY A N    1 
ATOM 335 C CA   . GLY A 1 24 ? 10.678  -0.998  11.673  1.00 1.46 ? 287 GLY A CA   1 
ATOM 336 C C    . GLY A 1 24 ? 10.585  0.237   10.778  1.00 1.41 ? 287 GLY A C    1 
ATOM 337 O O    . GLY A 1 24 ? 10.452  1.349   11.251  1.00 1.53 ? 287 GLY A O    1 
ATOM 338 H H    . GLY A 1 24 ? 8.803   -1.936  11.165  1.00 1.13 ? 287 GLY A H    1 
ATOM 339 H HA2  . GLY A 1 24 ? 10.382  -0.740  12.680  1.00 1.58 ? 287 GLY A HA2  1 
ATOM 340 H HA3  . GLY A 1 24 ? 11.695  -1.358  11.678  1.00 1.57 ? 287 GLY A HA3  1 
ATOM 341 N N    . ASP A 1 25 ? 10.643  0.053   9.488   1.00 1.29 ? 288 ASP A N    1 
ATOM 342 C CA   . ASP A 1 25 ? 10.548  1.220   8.568   1.00 1.31 ? 288 ASP A CA   1 
ATOM 343 C C    . ASP A 1 25 ? 9.084   1.633   8.423   1.00 1.12 ? 288 ASP A C    1 
ATOM 344 O O    . ASP A 1 25 ? 8.539   1.667   7.338   1.00 1.02 ? 288 ASP A O    1 
ATOM 345 C CB   . ASP A 1 25 ? 11.104  0.723   7.233   1.00 1.36 ? 288 ASP A CB   1 
ATOM 346 C CG   . ASP A 1 25 ? 11.855  1.861   6.537   1.00 1.70 ? 288 ASP A CG   1 
ATOM 347 O OD1  . ASP A 1 25 ? 12.536  2.602   7.226   1.00 2.14 ? 288 ASP A OD1  1 
ATOM 348 O OD2  . ASP A 1 25 ? 11.735  1.970   5.328   1.00 2.19 ? 288 ASP A OD2  1 
ATOM 349 H H    . ASP A 1 25 ? 10.745  -0.850  9.125   1.00 1.24 ? 288 ASP A H    1 
ATOM 350 H HA   . ASP A 1 25 ? 11.141  2.041   8.936   1.00 1.49 ? 288 ASP A HA   1 
ATOM 351 H HB2  . ASP A 1 25 ? 11.781  -0.101  7.409   1.00 1.52 ? 288 ASP A HB2  1 
ATOM 352 H HB3  . ASP A 1 25 ? 10.291  0.394   6.604   1.00 1.33 ? 288 ASP A HB3  1 
ATOM 353 N N    . VAL A 1 26 ? 8.444   1.938   9.517   1.00 1.15 ? 289 VAL A N    1 
ATOM 354 C CA   . VAL A 1 26 ? 7.011   2.342   9.459   1.00 1.06 ? 289 VAL A CA   1 
ATOM 355 C C    . VAL A 1 26 ? 6.864   3.672   8.714   1.00 1.11 ? 289 VAL A C    1 
ATOM 356 O O    . VAL A 1 26 ? 5.794   4.023   8.259   1.00 1.05 ? 289 VAL A O    1 
ATOM 357 C CB   . VAL A 1 26 ? 6.580   2.489   10.919  1.00 1.26 ? 289 VAL A CB   1 
ATOM 358 C CG1  . VAL A 1 26 ? 5.080   2.782   10.978  1.00 1.26 ? 289 VAL A CG1  1 
ATOM 359 C CG2  . VAL A 1 26 ? 6.868   1.187   11.675  1.00 1.32 ? 289 VAL A CG2  1 
ATOM 360 H H    . VAL A 1 26 ? 8.906   1.899   10.379  1.00 1.28 ? 289 VAL A H    1 
ATOM 361 H HA   . VAL A 1 26 ? 6.425   1.576   8.978   1.00 0.89 ? 289 VAL A HA   1 
ATOM 362 H HB   . VAL A 1 26 ? 7.124   3.302   11.376  1.00 1.42 ? 289 VAL A HB   1 
ATOM 363 H HG11 . VAL A 1 26 ? 4.866   3.387   11.846  1.00 1.47 ? 289 VAL A HG11 1 
ATOM 364 H HG12 . VAL A 1 26 ? 4.535   1.851   11.044  1.00 1.71 ? 289 VAL A HG12 1 
ATOM 365 H HG13 . VAL A 1 26 ? 4.782   3.312   10.086  1.00 1.69 ? 289 VAL A HG13 1 
ATOM 366 H HG21 . VAL A 1 26 ? 6.289   0.387   11.243  1.00 1.51 ? 289 VAL A HG21 1 
ATOM 367 H HG22 . VAL A 1 26 ? 6.597   1.307   12.713  1.00 1.87 ? 289 VAL A HG22 1 
ATOM 368 H HG23 . VAL A 1 26 ? 7.918   0.951   11.602  1.00 1.62 ? 289 VAL A HG23 1 
ATOM 369 N N    . GLU A 1 27 ? 7.931   4.413   8.582   1.00 1.26 ? 290 GLU A N    1 
ATOM 370 C CA   . GLU A 1 27 ? 7.844   5.710   7.862   1.00 1.37 ? 290 GLU A CA   1 
ATOM 371 C C    . GLU A 1 27 ? 7.070   5.523   6.557   1.00 1.23 ? 290 GLU A C    1 
ATOM 372 O O    . GLU A 1 27 ? 5.957   5.986   6.410   1.00 1.19 ? 290 GLU A O    1 
ATOM 373 C CB   . GLU A 1 27 ? 9.293   6.102   7.581   1.00 1.57 ? 290 GLU A CB   1 
ATOM 374 C CG   . GLU A 1 27 ? 9.359   7.584   7.206   1.00 1.77 ? 290 GLU A CG   1 
ATOM 375 C CD   . GLU A 1 27 ? 10.718  8.154   7.617   1.00 2.11 ? 290 GLU A CD   1 
ATOM 376 O OE1  . GLU A 1 27 ? 11.386  7.523   8.420   1.00 2.65 ? 290 GLU A OE1  1 
ATOM 377 O OE2  . GLU A 1 27 ? 11.067  9.214   7.122   1.00 2.63 ? 290 GLU A OE2  1 
ATOM 378 H H    . GLU A 1 27 ? 8.785   4.117   8.951   1.00 1.33 ? 290 GLU A H    1 
ATOM 379 H HA   . GLU A 1 27 ? 7.372   6.452   8.482   1.00 1.46 ? 290 GLU A HA   1 
ATOM 380 H HB2  . GLU A 1 27 ? 9.889   5.925   8.462   1.00 1.64 ? 290 GLU A HB2  1 
ATOM 381 H HB3  . GLU A 1 27 ? 9.675   5.509   6.767   1.00 1.53 ? 290 GLU A HB3  1 
ATOM 382 H HG2  . GLU A 1 27 ? 9.231   7.691   6.139   1.00 2.02 ? 290 GLU A HG2  1 
ATOM 383 H HG3  . GLU A 1 27 ? 8.576   8.121   7.719   1.00 2.20 ? 290 GLU A HG3  1 
ATOM 384 N N    . THR A 1 28 ? 7.651   4.839   5.609   1.00 1.20 ? 291 THR A N    1 
ATOM 385 C CA   . THR A 1 28 ? 6.951   4.613   4.318   1.00 1.14 ? 291 THR A CA   1 
ATOM 386 C C    . THR A 1 28 ? 5.549   4.058   4.578   1.00 0.93 ? 291 THR A C    1 
ATOM 387 O O    . THR A 1 28 ? 4.574   4.510   4.011   1.00 0.92 ? 291 THR A O    1 
ATOM 388 C CB   . THR A 1 28 ? 7.806   3.583   3.577   1.00 1.19 ? 291 THR A CB   1 
ATOM 389 O OG1  . THR A 1 28 ? 8.997   4.205   3.114   1.00 1.43 ? 291 THR A OG1  1 
ATOM 390 C CG2  . THR A 1 28 ? 7.021   3.027   2.388   1.00 1.18 ? 291 THR A CG2  1 
ATOM 391 H H    . THR A 1 28 ? 8.545   4.473   5.749   1.00 1.26 ? 291 THR A H    1 
ATOM 392 H HA   . THR A 1 28 ? 6.902   5.526   3.754   1.00 1.27 ? 291 THR A HA   1 
ATOM 393 H HB   . THR A 1 28 ? 8.059   2.775   4.247   1.00 1.09 ? 291 THR A HB   1 
ATOM 394 H HG1  . THR A 1 28 ? 9.727   3.880   3.644   1.00 1.75 ? 291 THR A HG1  1 
ATOM 395 H HG21 . THR A 1 28 ? 6.261   3.735   2.096   1.00 1.48 ? 291 THR A HG21 1 
ATOM 396 H HG22 . THR A 1 28 ? 6.556   2.094   2.668   1.00 1.54 ? 291 THR A HG22 1 
ATOM 397 H HG23 . THR A 1 28 ? 7.694   2.859   1.559   1.00 1.53 ? 291 THR A HG23 1 
ATOM 398 N N    . TYR A 1 29 ? 5.442   3.082   5.439   1.00 0.80 ? 292 TYR A N    1 
ATOM 399 C CA   . TYR A 1 29 ? 4.107   2.495   5.746   1.00 0.66 ? 292 TYR A CA   1 
ATOM 400 C C    . TYR A 1 29 ? 3.096   3.611   6.019   1.00 0.75 ? 292 TYR A C    1 
ATOM 401 O O    . TYR A 1 29 ? 2.132   3.777   5.296   1.00 0.71 ? 292 TYR A O    1 
ATOM 402 C CB   . TYR A 1 29 ? 4.332   1.651   7.001   1.00 0.65 ? 292 TYR A CB   1 
ATOM 403 C CG   . TYR A 1 29 ? 3.023   1.057   7.458   1.00 0.66 ? 292 TYR A CG   1 
ATOM 404 C CD1  . TYR A 1 29 ? 2.084   0.616   6.516   1.00 1.44 ? 292 TYR A CD1  1 
ATOM 405 C CD2  . TYR A 1 29 ? 2.747   0.943   8.826   1.00 1.26 ? 292 TYR A CD2  1 
ATOM 406 C CE1  . TYR A 1 29 ? 0.872   0.062   6.943   1.00 1.54 ? 292 TYR A CE1  1 
ATOM 407 C CE2  . TYR A 1 29 ? 1.535   0.389   9.253   1.00 1.34 ? 292 TYR A CE2  1 
ATOM 408 C CZ   . TYR A 1 29 ? 0.596   -0.052  8.311   1.00 0.97 ? 292 TYR A CZ   1 
ATOM 409 O OH   . TYR A 1 29 ? -0.599  -0.598  8.732   1.00 1.20 ? 292 TYR A OH   1 
ATOM 410 H H    . TYR A 1 29 ? 6.243   2.736   5.886   1.00 0.85 ? 292 TYR A H    1 
ATOM 411 H HA   . TYR A 1 29 ? 3.772   1.870   4.934   1.00 0.61 ? 292 TYR A HA   1 
ATOM 412 H HB2  . TYR A 1 29 ? 5.029   0.857   6.779   1.00 0.62 ? 292 TYR A HB2  1 
ATOM 413 H HB3  . TYR A 1 29 ? 4.735   2.274   7.786   1.00 0.80 ? 292 TYR A HB3  1 
ATOM 414 H HD1  . TYR A 1 29 ? 2.296   0.704   5.461   1.00 2.24 ? 292 TYR A HD1  1 
ATOM 415 H HD2  . TYR A 1 29 ? 3.470   1.283   9.551   1.00 2.05 ? 292 TYR A HD2  1 
ATOM 416 H HE1  . TYR A 1 29 ? 0.149   -0.278  6.218   1.00 2.37 ? 292 TYR A HE1  1 
ATOM 417 H HE2  . TYR A 1 29 ? 1.323   0.300   10.308  1.00 2.12 ? 292 TYR A HE2  1 
ATOM 418 H HH   . TYR A 1 29 ? -0.459  -1.535  8.885   1.00 1.42 ? 292 TYR A HH   1 
ATOM 419 N N    . ARG A 1 30 ? 3.307   4.377   7.055   1.00 0.91 ? 293 ARG A N    1 
ATOM 420 C CA   . ARG A 1 30 ? 2.360   5.480   7.371   1.00 1.05 ? 293 ARG A CA   1 
ATOM 421 C C    . ARG A 1 30 ? 1.960   6.214   6.088   1.00 1.01 ? 293 ARG A C    1 
ATOM 422 O O    . ARG A 1 30 ? 0.819   6.180   5.673   1.00 0.97 ? 293 ARG A O    1 
ATOM 423 C CB   . ARG A 1 30 ? 3.134   6.413   8.303   1.00 1.28 ? 293 ARG A CB   1 
ATOM 424 C CG   . ARG A 1 30 ? 2.248   6.799   9.490   1.00 1.44 ? 293 ARG A CG   1 
ATOM 425 C CD   . ARG A 1 30 ? 3.128   7.235   10.664  1.00 1.81 ? 293 ARG A CD   1 
ATOM 426 N NE   . ARG A 1 30 ? 2.363   8.324   11.332  1.00 2.28 ? 293 ARG A NE   1 
ATOM 427 C CZ   . ARG A 1 30 ? 2.832   8.887   12.413  1.00 2.81 ? 293 ARG A CZ   1 
ATOM 428 N NH1  . ARG A 1 30 ? 3.975   8.499   12.913  1.00 2.98 ? 293 ARG A NH1  1 
ATOM 429 N NH2  . ARG A 1 30 ? 2.157   9.840   12.995  1.00 3.61 ? 293 ARG A NH2  1 
ATOM 430 H H    . ARG A 1 30 ? 4.088   4.227   7.623   1.00 0.98 ? 293 ARG A H    1 
ATOM 431 H HA   . ARG A 1 30 ? 1.490   5.095   7.875   1.00 1.07 ? 293 ARG A HA   1 
ATOM 432 H HB2  . ARG A 1 30 ? 4.019   5.909   8.663   1.00 1.62 ? 293 ARG A HB2  1 
ATOM 433 H HB3  . ARG A 1 30 ? 3.420   7.305   7.765   1.00 1.64 ? 293 ARG A HB3  1 
ATOM 434 H HG2  . ARG A 1 30 ? 1.599   7.613   9.203   1.00 1.93 ? 293 ARG A HG2  1 
ATOM 435 H HG3  . ARG A 1 30 ? 1.652   5.949   9.786   1.00 1.81 ? 293 ARG A HG3  1 
ATOM 436 H HD2  . ARG A 1 30 ? 3.282   6.408   11.344  1.00 2.17 ? 293 ARG A HD2  1 
ATOM 437 H HD3  . ARG A 1 30 ? 4.073   7.613   10.307  1.00 2.22 ? 293 ARG A HD3  1 
ATOM 438 H HE   . ARG A 1 30 ? 1.506   8.619   10.959  1.00 2.62 ? 293 ARG A HE   1 
ATOM 439 H HH11 . ARG A 1 30 ? 4.494   7.769   12.469  1.00 2.75 ? 293 ARG A HH11 1 
ATOM 440 H HH12 . ARG A 1 30 ? 4.330   8.933   13.741  1.00 3.61 ? 293 ARG A HH12 1 
ATOM 441 H HH21 . ARG A 1 30 ? 1.282   10.137  12.613  1.00 3.87 ? 293 ARG A HH21 1 
ATOM 442 H HH22 . ARG A 1 30 ? 2.514   10.272  13.824  1.00 4.13 ? 293 ARG A HH22 1 
ATOM 443 N N    . LYS A 1 31 ? 2.892   6.874   5.456   1.00 1.10 ? 294 LYS A N    1 
ATOM 444 C CA   . LYS A 1 31 ? 2.567   7.606   4.201   1.00 1.14 ? 294 LYS A CA   1 
ATOM 445 C C    . LYS A 1 31 ? 1.662   6.747   3.313   1.00 0.99 ? 294 LYS A C    1 
ATOM 446 O O    . LYS A 1 31 ? 0.511   7.065   3.092   1.00 0.98 ? 294 LYS A O    1 
ATOM 447 C CB   . LYS A 1 31 ? 3.915   7.848   3.521   1.00 1.28 ? 294 LYS A CB   1 
ATOM 448 C CG   . LYS A 1 31 ? 4.082   9.343   3.240   1.00 1.78 ? 294 LYS A CG   1 
ATOM 449 C CD   . LYS A 1 31 ? 5.498   9.611   2.725   1.00 2.07 ? 294 LYS A CD   1 
ATOM 450 C CE   . LYS A 1 31 ? 5.433   10.539  1.510   1.00 2.65 ? 294 LYS A CE   1 
ATOM 451 N NZ   . LYS A 1 31 ? 6.602   11.449  1.659   1.00 3.33 ? 294 LYS A NZ   1 
ATOM 452 H H    . LYS A 1 31 ? 3.805   6.888   5.806   1.00 1.17 ? 294 LYS A H    1 
ATOM 453 H HA   . LYS A 1 31 ? 2.094   8.545   4.427   1.00 1.24 ? 294 LYS A HA   1 
ATOM 454 H HB2  . LYS A 1 31 ? 4.711   7.511   4.170   1.00 1.43 ? 294 LYS A HB2  1 
ATOM 455 H HB3  . LYS A 1 31 ? 3.953   7.303   2.590   1.00 1.45 ? 294 LYS A HB3  1 
ATOM 456 H HG2  . LYS A 1 31 ? 3.362   9.652   2.495   1.00 2.32 ? 294 LYS A HG2  1 
ATOM 457 H HG3  . LYS A 1 31 ? 3.921   9.900   4.150   1.00 2.18 ? 294 LYS A HG3  1 
ATOM 458 H HD2  . LYS A 1 31 ? 6.081   10.078  3.506   1.00 2.41 ? 294 LYS A HD2  1 
ATOM 459 H HD3  . LYS A 1 31 ? 5.959   8.679   2.439   1.00 2.43 ? 294 LYS A HD3  1 
ATOM 460 H HE2  . LYS A 1 31 ? 5.513   9.967   0.597   1.00 2.97 ? 294 LYS A HE2  1 
ATOM 461 H HE3  . LYS A 1 31 ? 4.516   11.109  1.520   1.00 3.01 ? 294 LYS A HE3  1 
ATOM 462 H HZ1  . LYS A 1 31 ? 7.471   10.886  1.750   1.00 3.74 ? 294 LYS A HZ1  1 
ATOM 463 H HZ2  . LYS A 1 31 ? 6.478   12.036  2.510   1.00 3.67 ? 294 LYS A HZ2  1 
ATOM 464 H HZ3  . LYS A 1 31 ? 6.674   12.062  0.824   1.00 3.62 ? 294 LYS A HZ3  1 
ATOM 465 N N    . LEU A 1 32 ? 2.176   5.660   2.803   1.00 0.92 ? 295 LEU A N    1 
ATOM 466 C CA   . LEU A 1 32 ? 1.344   4.782   1.935   1.00 0.86 ? 295 LEU A CA   1 
ATOM 467 C C    . LEU A 1 32 ? -0.053  4.621   2.537   1.00 0.76 ? 295 LEU A C    1 
ATOM 468 O O    . LEU A 1 32 ? -1.049  4.911   1.906   1.00 0.80 ? 295 LEU A O    1 
ATOM 469 C CB   . LEU A 1 32 ? 2.077   3.440   1.904   1.00 0.85 ? 295 LEU A CB   1 
ATOM 470 C CG   . LEU A 1 32 ? 2.731   3.247   0.536   1.00 1.10 ? 295 LEU A CG   1 
ATOM 471 C CD1  . LEU A 1 32 ? 4.213   3.618   0.622   1.00 1.84 ? 295 LEU A CD1  1 
ATOM 472 C CD2  . LEU A 1 32 ? 2.597   1.785   0.108   1.00 1.54 ? 295 LEU A CD2  1 
ATOM 473 H H    . LEU A 1 32 ? 3.105   5.420   2.992   1.00 0.96 ? 295 LEU A H    1 
ATOM 474 H HA   . LEU A 1 32 ? 1.282   5.190   0.940   1.00 0.97 ? 295 LEU A HA   1 
ATOM 475 H HB2  . LEU A 1 32 ? 2.837   3.428   2.673   1.00 0.92 ? 295 LEU A HB2  1 
ATOM 476 H HB3  . LEU A 1 32 ? 1.373   2.641   2.080   1.00 0.94 ? 295 LEU A HB3  1 
ATOM 477 H HG   . LEU A 1 32 ? 2.244   3.884   -0.189  1.00 1.66 ? 295 LEU A HG   1 
ATOM 478 H HD11 . LEU A 1 32 ? 4.707   2.964   1.326   1.00 2.43 ? 295 LEU A HD11 1 
ATOM 479 H HD12 . LEU A 1 32 ? 4.310   4.641   0.953   1.00 2.29 ? 295 LEU A HD12 1 
ATOM 480 H HD13 . LEU A 1 32 ? 4.669   3.509   -0.350  1.00 2.28 ? 295 LEU A HD13 1 
ATOM 481 H HD21 . LEU A 1 32 ? 1.551   1.528   0.025   1.00 2.10 ? 295 LEU A HD21 1 
ATOM 482 H HD22 . LEU A 1 32 ? 3.066   1.150   0.844   1.00 1.91 ? 295 LEU A HD22 1 
ATOM 483 H HD23 . LEU A 1 32 ? 3.079   1.644   -0.848  1.00 2.07 ? 295 LEU A HD23 1 
ATOM 484 N N    . LYS A 1 33 ? -0.133  4.161   3.758   1.00 0.72 ? 296 LYS A N    1 
ATOM 485 C CA   . LYS A 1 33 ? -1.464  3.986   4.401   1.00 0.76 ? 296 LYS A CA   1 
ATOM 486 C C    . LYS A 1 33 ? -2.348  5.200   4.106   1.00 0.83 ? 296 LYS A C    1 
ATOM 487 O O    . LYS A 1 33 ? -3.396  5.084   3.502   1.00 0.87 ? 296 LYS A O    1 
ATOM 488 C CB   . LYS A 1 33 ? -1.177  3.881   5.899   1.00 0.86 ? 296 LYS A CB   1 
ATOM 489 C CG   . LYS A 1 33 ? -2.222  2.977   6.554   1.00 1.17 ? 296 LYS A CG   1 
ATOM 490 C CD   . LYS A 1 33 ? -2.083  3.052   8.076   1.00 1.58 ? 296 LYS A CD   1 
ATOM 491 C CE   . LYS A 1 33 ? -3.217  2.261   8.732   1.00 2.12 ? 296 LYS A CE   1 
ATOM 492 N NZ   . LYS A 1 33 ? -3.695  3.126   9.846   1.00 2.78 ? 296 LYS A NZ   1 
ATOM 493 H H    . LYS A 1 33 ? 0.681   3.933   4.251   1.00 0.73 ? 296 LYS A H    1 
ATOM 494 H HA   . LYS A 1 33 ? -1.933  3.082   4.050   1.00 0.77 ? 296 LYS A HA   1 
ATOM 495 H HB2  . LYS A 1 33 ? -0.192  3.463   6.048   1.00 0.95 ? 296 LYS A HB2  1 
ATOM 496 H HB3  . LYS A 1 33 ? -1.224  4.864   6.344   1.00 1.17 ? 296 LYS A HB3  1 
ATOM 497 H HG2  . LYS A 1 33 ? -3.212  3.303   6.266   1.00 1.73 ? 296 LYS A HG2  1 
ATOM 498 H HG3  . LYS A 1 33 ? -2.071  1.959   6.230   1.00 1.49 ? 296 LYS A HG3  1 
ATOM 499 H HD2  . LYS A 1 33 ? -1.132  2.632   8.370   1.00 1.95 ? 296 LYS A HD2  1 
ATOM 500 H HD3  . LYS A 1 33 ? -2.136  4.083   8.392   1.00 2.13 ? 296 LYS A HD3  1 
ATOM 501 H HE2  . LYS A 1 33 ? -4.013  2.086   8.020   1.00 2.47 ? 296 LYS A HE2  1 
ATOM 502 H HE3  . LYS A 1 33 ? -2.847  1.326   9.122   1.00 2.57 ? 296 LYS A HE3  1 
ATOM 503 H HZ1  . LYS A 1 33 ? -3.764  4.110   9.517   1.00 3.18 ? 296 LYS A HZ1  1 
ATOM 504 H HZ2  . LYS A 1 33 ? -3.024  3.071   10.640  1.00 3.13 ? 296 LYS A HZ2  1 
ATOM 505 H HZ3  . LYS A 1 33 ? -4.632  2.802   10.159  1.00 3.14 ? 296 LYS A HZ3  1 
ATOM 506 N N    . ALA A 1 34 ? -1.930  6.365   4.525   1.00 0.93 ? 297 ALA A N    1 
ATOM 507 C CA   . ALA A 1 34 ? -2.741  7.586   4.265   1.00 1.07 ? 297 ALA A CA   1 
ATOM 508 C C    . ALA A 1 34 ? -3.281  7.554   2.834   1.00 1.03 ? 297 ALA A C    1 
ATOM 509 O O    . ALA A 1 34 ? -4.471  7.451   2.611   1.00 1.08 ? 297 ALA A O    1 
ATOM 510 C CB   . ALA A 1 34 ? -1.771  8.754   4.449   1.00 1.22 ? 297 ALA A CB   1 
ATOM 511 H H    . ALA A 1 34 ? -1.082  6.436   5.009   1.00 0.96 ? 297 ALA A H    1 
ATOM 512 H HA   . ALA A 1 34 ? -3.547  7.659   4.975   1.00 1.16 ? 297 ALA A HA   1 
ATOM 513 H HB1  . ALA A 1 34 ? -1.247  8.643   5.387   1.00 1.75 ? 297 ALA A HB1  1 
ATOM 514 H HB2  . ALA A 1 34 ? -2.323  9.683   4.454   1.00 1.55 ? 297 ALA A HB2  1 
ATOM 515 H HB3  . ALA A 1 34 ? -1.059  8.763   3.638   1.00 1.53 ? 297 ALA A HB3  1 
ATOM 516 N N    . LYS A 1 35 ? -2.413  7.634   1.862   1.00 1.03 ? 298 LYS A N    1 
ATOM 517 C CA   . LYS A 1 35 ? -2.877  7.599   0.449   1.00 1.11 ? 298 LYS A CA   1 
ATOM 518 C C    . LYS A 1 35 ? -3.915  6.489   0.271   1.00 1.05 ? 298 LYS A C    1 
ATOM 519 O O    . LYS A 1 35 ? -5.040  6.732   -0.116  1.00 1.12 ? 298 LYS A O    1 
ATOM 520 C CB   . LYS A 1 35 ? -1.622  7.303   -0.374  1.00 1.22 ? 298 LYS A CB   1 
ATOM 521 C CG   . LYS A 1 35 ? -1.404  8.422   -1.395  1.00 1.70 ? 298 LYS A CG   1 
ATOM 522 C CD   . LYS A 1 35 ? 0.067   8.451   -1.816  1.00 1.99 ? 298 LYS A CD   1 
ATOM 523 C CE   . LYS A 1 35 ? 0.212   7.831   -3.207  1.00 2.66 ? 298 LYS A CE   1 
ATOM 524 N NZ   . LYS A 1 35 ? 1.430   8.463   -3.785  1.00 3.20 ? 298 LYS A NZ   1 
ATOM 525 H H    . LYS A 1 35 ? -1.458  7.712   2.061   1.00 1.04 ? 298 LYS A H    1 
ATOM 526 H HA   . LYS A 1 35 ? -3.287  8.554   0.166   1.00 1.25 ? 298 LYS A HA   1 
ATOM 527 H HB2  . LYS A 1 35 ? -0.766  7.242   0.284   1.00 1.28 ? 298 LYS A HB2  1 
ATOM 528 H HB3  . LYS A 1 35 ? -1.745  6.365   -0.893  1.00 1.46 ? 298 LYS A HB3  1 
ATOM 529 H HG2  . LYS A 1 35 ? -2.024  8.244   -2.261  1.00 2.16 ? 298 LYS A HG2  1 
ATOM 530 H HG3  . LYS A 1 35 ? -1.668  9.371   -0.951  1.00 2.18 ? 298 LYS A HG3  1 
ATOM 531 H HD2  . LYS A 1 35 ? 0.414   9.474   -1.839  1.00 2.40 ? 298 LYS A HD2  1 
ATOM 532 H HD3  . LYS A 1 35 ? 0.655   7.887   -1.109  1.00 2.29 ? 298 LYS A HD3  1 
ATOM 533 H HE2  . LYS A 1 35 ? 0.342   6.760   -3.128  1.00 3.00 ? 298 LYS A HE2  1 
ATOM 534 H HE3  . LYS A 1 35 ? -0.649  8.063   -3.815  1.00 3.13 ? 298 LYS A HE3  1 
ATOM 535 H HZ1  . LYS A 1 35 ? 1.551   8.147   -4.768  1.00 3.44 ? 298 LYS A HZ1  1 
ATOM 536 H HZ2  . LYS A 1 35 ? 2.263   8.187   -3.226  1.00 3.62 ? 298 LYS A HZ2  1 
ATOM 537 H HZ3  . LYS A 1 35 ? 1.326   9.497   -3.767  1.00 3.49 ? 298 LYS A HZ3  1 
ATOM 538 N N    . LEU A 1 36 ? -3.544  5.269   0.555   1.00 0.98 ? 299 LEU A N    1 
ATOM 539 C CA   . LEU A 1 36 ? -4.504  4.142   0.408   1.00 1.04 ? 299 LEU A CA   1 
ATOM 540 C C    . LEU A 1 36 ? -5.853  4.512   1.031   1.00 1.08 ? 299 LEU A C    1 
ATOM 541 O O    . LEU A 1 36 ? -6.897  4.105   0.564   1.00 1.27 ? 299 LEU A O    1 
ATOM 542 C CB   . LEU A 1 36 ? -3.866  2.977   1.166   1.00 1.04 ? 299 LEU A CB   1 
ATOM 543 C CG   . LEU A 1 36 ? -4.640  1.692   0.873   1.00 1.34 ? 299 LEU A CG   1 
ATOM 544 C CD1  . LEU A 1 36 ? -3.818  0.803   -0.061  1.00 1.80 ? 299 LEU A CD1  1 
ATOM 545 C CD2  . LEU A 1 36 ? -4.903  0.947   2.184   1.00 1.78 ? 299 LEU A CD2  1 
ATOM 546 H H    . LEU A 1 36 ? -2.633  5.095   0.866   1.00 0.96 ? 299 LEU A H    1 
ATOM 547 H HA   . LEU A 1 36 ? -4.622  3.884   -0.628  1.00 1.18 ? 299 LEU A HA   1 
ATOM 548 H HB2  . LEU A 1 36 ? -2.839  2.860   0.848   1.00 1.18 ? 299 LEU A HB2  1 
ATOM 549 H HB3  . LEU A 1 36 ? -3.894  3.178   2.226   1.00 1.18 ? 299 LEU A HB3  1 
ATOM 550 H HG   . LEU A 1 36 ? -5.580  1.938   0.401   1.00 1.82 ? 299 LEU A HG   1 
ATOM 551 H HD11 . LEU A 1 36 ? -4.472  0.345   -0.789  1.00 2.35 ? 299 LEU A HD11 1 
ATOM 552 H HD12 . LEU A 1 36 ? -3.324  0.035   0.514   1.00 2.17 ? 299 LEU A HD12 1 
ATOM 553 H HD13 . LEU A 1 36 ? -3.079  1.404   -0.570  1.00 2.15 ? 299 LEU A HD13 1 
ATOM 554 H HD21 . LEU A 1 36 ? -5.609  0.148   2.008   1.00 2.26 ? 299 LEU A HD21 1 
ATOM 555 H HD22 . LEU A 1 36 ? -5.309  1.633   2.912   1.00 2.15 ? 299 LEU A HD22 1 
ATOM 556 H HD23 . LEU A 1 36 ? -3.977  0.534   2.555   1.00 2.22 ? 299 LEU A HD23 1 
ATOM 557 N N    . LYS A 1 37 ? -5.834  5.280   2.086   1.00 1.08 ? 300 LYS A N    1 
ATOM 558 C CA   . LYS A 1 37 ? -7.112  5.678   2.744   1.00 1.26 ? 300 LYS A CA   1 
ATOM 559 C C    . LYS A 1 37 ? -7.843  6.723   1.896   1.00 1.26 ? 300 LYS A C    1 
ATOM 560 O O    . LYS A 1 37 ? -8.975  7.073   2.165   1.00 1.60 ? 300 LYS A O    1 
ATOM 561 C CB   . LYS A 1 37 ? -6.691  6.276   4.086   1.00 1.50 ? 300 LYS A CB   1 
ATOM 562 C CG   . LYS A 1 37 ? -7.933  6.549   4.936   1.00 1.94 ? 300 LYS A CG   1 
ATOM 563 C CD   . LYS A 1 37 ? -7.528  7.308   6.201   1.00 2.41 ? 300 LYS A CD   1 
ATOM 564 C CE   . LYS A 1 37 ? -8.778  7.650   7.014   1.00 2.86 ? 300 LYS A CE   1 
ATOM 565 N NZ   . LYS A 1 37 ? -9.680  8.346   6.054   1.00 3.50 ? 300 LYS A NZ   1 
ATOM 566 H H    . LYS A 1 37 ? -4.980  5.596   2.446   1.00 1.08 ? 300 LYS A H    1 
ATOM 567 H HA   . LYS A 1 37 ? -7.739  4.815   2.904   1.00 1.46 ? 300 LYS A HA   1 
ATOM 568 H HB2  . LYS A 1 37 ? -6.046  5.580   4.603   1.00 1.79 ? 300 LYS A HB2  1 
ATOM 569 H HB3  . LYS A 1 37 ? -6.161  7.201   3.919   1.00 1.84 ? 300 LYS A HB3  1 
ATOM 570 H HG2  . LYS A 1 37 ? -8.634  7.145   4.368   1.00 2.25 ? 300 LYS A HG2  1 
ATOM 571 H HG3  . LYS A 1 37 ? -8.395  5.614   5.212   1.00 2.47 ? 300 LYS A HG3  1 
ATOM 572 H HD2  . LYS A 1 37 ? -6.868  6.689   6.794   1.00 2.82 ? 300 LYS A HD2  1 
ATOM 573 H HD3  . LYS A 1 37 ? -7.017  8.219   5.927   1.00 2.79 ? 300 LYS A HD3  1 
ATOM 574 H HE2  . LYS A 1 37 ? -9.242  6.747   7.385   1.00 3.13 ? 300 LYS A HE2  1 
ATOM 575 H HE3  . LYS A 1 37 ? -8.527  8.309   7.830   1.00 3.13 ? 300 LYS A HE3  1 
ATOM 576 H HZ1  . LYS A 1 37 ? -9.116  8.771   5.293   1.00 3.90 ? 300 LYS A HZ1  1 
ATOM 577 H HZ2  . LYS A 1 37 ? -10.208 9.091   6.554   1.00 3.91 ? 300 LYS A HZ2  1 
ATOM 578 H HZ3  . LYS A 1 37 ? -10.347 7.661   5.647   1.00 3.67 ? 300 LYS A HZ3  1 
ATOM 579 N N    . GLY A 1 38 ? -7.204  7.224   0.875   1.00 1.23 ? 301 GLY A N    1 
ATOM 580 C CA   . GLY A 1 38 ? -7.864  8.245   0.011   1.00 1.46 ? 301 GLY A CA   1 
ATOM 581 C C    . GLY A 1 38 ? -7.995  7.701   -1.412  1.00 1.27 ? 301 GLY A C    1 
ATOM 582 O O    . GLY A 1 38 ? -8.658  8.280   -2.250  1.00 1.58 ? 301 GLY A O    1 
ATOM 583 H H    . GLY A 1 38 ? -6.292  6.929   0.674   1.00 1.31 ? 301 GLY A H    1 
ATOM 584 H HA2  . GLY A 1 38 ? -8.844  8.469   0.405   1.00 1.76 ? 301 GLY A HA2  1 
ATOM 585 H HA3  . GLY A 1 38 ? -7.266  9.144   -0.004  1.00 1.81 ? 301 GLY A HA3  1 
ATOM 586 N N    . ILE A 1 39 ? -7.368  6.591   -1.694  1.00 1.17 ? 302 ILE A N    1 
ATOM 587 C CA   . ILE A 1 39 ? -7.459  6.012   -3.065  1.00 1.34 ? 302 ILE A CA   1 
ATOM 588 C C    . ILE A 1 39 ? -8.917  5.990   -3.532  1.00 1.84 ? 302 ILE A C    1 
ATOM 589 O O    . ILE A 1 39 ? -9.696  5.153   -3.124  1.00 2.40 ? 302 ILE A O    1 
ATOM 590 C CB   . ILE A 1 39 ? -6.915  4.590   -2.932  1.00 1.38 ? 302 ILE A CB   1 
ATOM 591 C CG1  . ILE A 1 39 ? -5.389  4.637   -2.848  1.00 1.63 ? 302 ILE A CG1  1 
ATOM 592 C CG2  . ILE A 1 39 ? -7.333  3.763   -4.149  1.00 1.86 ? 302 ILE A CG2  1 
ATOM 593 C CD1  . ILE A 1 39 ? -4.834  3.211   -2.860  1.00 1.65 ? 302 ILE A CD1  1 
ATOM 594 H H    . ILE A 1 39 ? -6.837  6.139   -1.005  1.00 1.30 ? 302 ILE A H    1 
ATOM 595 H HA   . ILE A 1 39 ? -6.851  6.576   -3.754  1.00 1.62 ? 302 ILE A HA   1 
ATOM 596 H HB   . ILE A 1 39 ? -7.313  4.135   -2.035  1.00 1.64 ? 302 ILE A HB   1 
ATOM 597 H HG12 . ILE A 1 39 ? -4.998  5.182   -3.695  1.00 2.16 ? 302 ILE A HG12 1 
ATOM 598 H HG13 . ILE A 1 39 ? -5.092  5.129   -1.934  1.00 2.24 ? 302 ILE A HG13 1 
ATOM 599 H HG21 . ILE A 1 39 ? -6.815  2.816   -4.137  1.00 2.17 ? 302 ILE A HG21 1 
ATOM 600 H HG22 . ILE A 1 39 ? -7.079  4.300   -5.053  1.00 2.32 ? 302 ILE A HG22 1 
ATOM 601 H HG23 . ILE A 1 39 ? -8.399  3.592   -4.120  1.00 2.29 ? 302 ILE A HG23 1 
ATOM 602 H HD11 . ILE A 1 39 ? -3.930  3.171   -2.271  1.00 2.09 ? 302 ILE A HD11 1 
ATOM 603 H HD12 . ILE A 1 39 ? -4.615  2.918   -3.876  1.00 1.95 ? 302 ILE A HD12 1 
ATOM 604 H HD13 . ILE A 1 39 ? -5.567  2.537   -2.440  1.00 2.06 ? 302 ILE A HD13 1 
ATOM 605 N N    . ARG A 1 40 ? -9.291  6.904   -4.384  1.00 2.37 ? 303 ARG A N    1 
ATOM 606 C CA   . ARG A 1 40 ? -10.699 6.933   -4.875  1.00 3.11 ? 303 ARG A CA   1 
ATOM 607 C C    . ARG A 1 40 ? -11.060 5.592   -5.521  1.00 3.80 ? 303 ARG A C    1 
ATOM 608 O O    . ARG A 1 40 ? -11.827 4.856   -4.923  1.00 4.31 ? 303 ARG A O    1 
ATOM 609 C CB   . ARG A 1 40 ? -10.734 8.055   -5.912  1.00 3.84 ? 303 ARG A CB   1 
ATOM 610 C CG   . ARG A 1 40 ? -12.177 8.529   -6.105  1.00 4.48 ? 303 ARG A CG   1 
ATOM 611 C CD   . ARG A 1 40 ? -12.707 9.104   -4.790  1.00 5.33 ? 303 ARG A CD   1 
ATOM 612 N NE   . ARG A 1 40 ? -13.764 8.150   -4.355  1.00 5.91 ? 303 ARG A NE   1 
ATOM 613 C CZ   . ARG A 1 40 ? -14.912 8.116   -4.979  1.00 6.51 ? 303 ARG A CZ   1 
ATOM 614 N NH1  . ARG A 1 40 ? -15.145 8.928   -5.975  1.00 6.65 ? 303 ARG A NH1  1 
ATOM 615 N NH2  . ARG A 1 40 ? -15.831 7.270   -4.602  1.00 7.27 ? 303 ARG A NH2  1 
ATOM 616 O OXT  . ARG A 1 40 ? -10.561 5.325   -6.602  1.00 4.29 ? 303 ARG A OXT  1 
ATOM 617 H H    . ARG A 1 40 ? -8.648  7.571   -4.701  1.00 2.65 ? 303 ARG A H    1 
ATOM 618 H HA   . ARG A 1 40 ? -11.376 7.156   -4.065  1.00 3.22 ? 303 ARG A HA   1 
ATOM 619 H HB2  . ARG A 1 40 ? -10.127 8.881   -5.569  1.00 3.99 ? 303 ARG A HB2  1 
ATOM 620 H HB3  . ARG A 1 40 ? -10.350 7.690   -6.852  1.00 4.32 ? 303 ARG A HB3  1 
ATOM 621 H HG2  . ARG A 1 40 ? -12.205 9.292   -6.870  1.00 4.68 ? 303 ARG A HG2  1 
ATOM 622 H HG3  . ARG A 1 40 ? -12.793 7.696   -6.405  1.00 4.62 ? 303 ARG A HG3  1 
ATOM 623 H HD2  . ARG A 1 40 ? -11.914 9.154   -4.056  1.00 5.56 ? 303 ARG A HD2  1 
ATOM 624 H HD3  . ARG A 1 40 ? -13.135 10.081  -4.950  1.00 5.67 ? 303 ARG A HD3  1 
ATOM 625 H HE   . ARG A 1 40 ? -13.597 7.543   -3.604  1.00 6.07 ? 303 ARG A HE   1 
ATOM 626 H HH11 . ARG A 1 40 ? -14.444 9.578   -6.266  1.00 6.31 ? 303 ARG A HH11 1 
ATOM 627 H HH12 . ARG A 1 40 ? -16.025 8.899   -6.448  1.00 7.30 ? 303 ARG A HH12 1 
ATOM 628 H HH21 . ARG A 1 40 ? -15.656 6.648   -3.838  1.00 7.42 ? 303 ARG A HH21 1 
ATOM 629 H HH22 . ARG A 1 40 ? -16.710 7.240   -5.078  1.00 7.86 ? 303 ARG A HH22 1 
# 
